data_5CXT
#
_entry.id   5CXT
#
_cell.length_a   127.283
_cell.length_b   127.283
_cell.length_c   78.864
_cell.angle_alpha   90.000
_cell.angle_beta   90.000
_cell.angle_gamma   120.000
#
_symmetry.space_group_name_H-M   'P 32'
#
loop_
_entity.id
_entity.type
_entity.pdbx_description
1 polymer 'RNA-binding protein 39'
2 polymer 'Splicing factor U2AF 65 kDa subunit'
3 water water
#
loop_
_entity_poly.entity_id
_entity_poly.type
_entity_poly.pdbx_seq_one_letter_code
_entity_poly.pdbx_strand_id
1 'polypeptide(L)'
;GVQPLATQCFQLSNMFNPQTEEEVGWDTEIKDDVIEECNKHGGVIHIYVDKYSAQGNVYVKCPSIAAAIAAVNALHGRWF
AGKMITAAYVPLPTYHNLFPDSMTATQLLVPSRR
;
A,C,E,G,I,K,M,O,Q
2 'polypeptide(L)' GKKKVRKYWDVPPPGFEHITPMQYKAMQA B,D,F,H,J,L,N,P,R
#
# COMPACT_ATOMS: atom_id res chain seq x y z
N PRO A 4 5.24 11.24 -36.24
CA PRO A 4 5.49 10.74 -34.88
C PRO A 4 6.94 10.91 -34.41
N LEU A 5 7.09 11.37 -33.17
CA LEU A 5 8.40 11.69 -32.60
C LEU A 5 8.97 10.38 -32.08
N ALA A 6 10.27 10.18 -32.34
CA ALA A 6 10.98 8.97 -31.92
C ALA A 6 11.33 9.02 -30.42
N THR A 7 11.13 7.88 -29.74
CA THR A 7 11.46 7.70 -28.30
C THR A 7 12.19 6.38 -28.08
N GLN A 8 12.50 5.96 -26.84
CA GLN A 8 13.14 4.65 -26.59
C GLN A 8 12.14 3.49 -26.69
N CYS A 9 10.86 3.82 -26.76
CA CYS A 9 9.78 2.83 -26.56
C CYS A 9 8.89 2.69 -27.77
N PHE A 10 8.47 1.45 -28.03
CA PHE A 10 7.52 1.21 -29.10
C PHE A 10 6.60 0.08 -28.77
N GLN A 11 5.57 -0.03 -29.59
CA GLN A 11 4.60 -1.07 -29.55
C GLN A 11 4.58 -1.79 -30.93
N LEU A 12 4.62 -3.12 -30.91
CA LEU A 12 4.37 -3.92 -32.03
C LEU A 12 2.93 -4.40 -31.95
N SER A 13 2.25 -4.47 -33.10
CA SER A 13 0.90 -5.01 -33.20
CA SER A 13 0.88 -5.02 -33.19
C SER A 13 0.77 -6.06 -34.32
N ASN A 14 -0.27 -6.92 -34.17
CA ASN A 14 -0.60 -7.98 -35.09
C ASN A 14 0.38 -9.14 -35.02
N MET A 15 0.94 -9.34 -33.86
CA MET A 15 1.96 -10.40 -33.63
C MET A 15 1.36 -11.78 -33.33
N PHE A 16 0.07 -11.81 -33.03
CA PHE A 16 -0.62 -13.03 -32.59
C PHE A 16 -2.06 -12.66 -32.30
N ASN A 17 -2.89 -13.67 -32.11
CA ASN A 17 -4.27 -13.49 -31.68
C ASN A 17 -4.46 -14.38 -30.44
N PRO A 18 -4.61 -13.76 -29.24
CA PRO A 18 -4.67 -14.54 -28.01
C PRO A 18 -5.73 -15.66 -27.99
N GLN A 19 -6.86 -15.45 -28.68
CA GLN A 19 -7.93 -16.47 -28.74
C GLN A 19 -7.47 -17.77 -29.40
N THR A 20 -6.67 -17.65 -30.46
CA THR A 20 -6.14 -18.81 -31.20
C THR A 20 -4.75 -19.30 -30.74
N GLU A 21 -4.29 -18.87 -29.56
CA GLU A 21 -3.01 -19.33 -29.00
C GLU A 21 -3.29 -20.34 -27.89
N GLU A 22 -3.02 -21.62 -28.17
CA GLU A 22 -3.35 -22.72 -27.25
C GLU A 22 -2.12 -23.26 -26.51
N GLU A 23 -1.00 -23.38 -27.22
CA GLU A 23 0.25 -23.94 -26.67
C GLU A 23 0.71 -23.21 -25.40
N VAL A 24 1.09 -23.97 -24.37
CA VAL A 24 1.50 -23.36 -23.09
C VAL A 24 2.84 -22.63 -23.27
N GLY A 25 2.95 -21.47 -22.63
CA GLY A 25 4.12 -20.61 -22.76
C GLY A 25 4.34 -19.97 -24.14
N TRP A 26 3.27 -19.82 -24.92
CA TRP A 26 3.31 -19.14 -26.23
C TRP A 26 3.83 -17.67 -26.14
N ASP A 27 3.45 -16.96 -25.09
CA ASP A 27 3.83 -15.57 -24.90
C ASP A 27 5.33 -15.42 -24.59
N THR A 28 5.91 -16.40 -23.90
CA THR A 28 7.34 -16.46 -23.69
C THR A 28 8.11 -16.67 -25.00
N GLU A 29 7.56 -17.45 -25.92
CA GLU A 29 8.18 -17.66 -27.25
C GLU A 29 8.11 -16.42 -28.10
N ILE A 30 6.99 -15.69 -28.03
CA ILE A 30 6.89 -14.39 -28.72
C ILE A 30 7.95 -13.43 -28.18
N LYS A 31 8.08 -13.38 -26.86
CA LYS A 31 9.05 -12.49 -26.24
C LYS A 31 10.44 -12.79 -26.75
N ASP A 32 10.79 -14.09 -26.80
CA ASP A 32 12.10 -14.50 -27.30
C ASP A 32 12.27 -14.15 -28.79
N ASP A 33 11.19 -14.24 -29.58
CA ASP A 33 11.23 -13.86 -31.00
C ASP A 33 11.59 -12.40 -31.14
N VAL A 34 11.05 -11.57 -30.25
CA VAL A 34 11.29 -10.15 -30.32
C VAL A 34 12.68 -9.73 -29.82
N ILE A 35 13.12 -10.35 -28.71
CA ILE A 35 14.43 -10.12 -28.21
C ILE A 35 15.47 -10.53 -29.24
N GLU A 36 15.39 -11.74 -29.76
CA GLU A 36 16.35 -12.20 -30.76
C GLU A 36 16.44 -11.25 -31.94
N GLU A 37 15.29 -10.81 -32.47
CA GLU A 37 15.31 -9.92 -33.60
C GLU A 37 15.88 -8.54 -33.23
N CYS A 38 15.55 -8.04 -32.05
CA CYS A 38 16.07 -6.71 -31.65
C CYS A 38 17.55 -6.72 -31.31
N ASN A 39 18.18 -7.89 -31.13
CA ASN A 39 19.61 -7.96 -30.93
C ASN A 39 20.41 -7.63 -32.20
N LYS A 40 19.78 -7.71 -33.35
CA LYS A 40 20.32 -7.14 -34.57
C LYS A 40 20.35 -5.63 -34.61
N HIS A 41 19.73 -4.95 -33.68
CA HIS A 41 19.62 -3.52 -33.75
C HIS A 41 20.48 -3.23 -32.48
N GLY A 42 19.91 -2.74 -31.45
CA GLY A 42 20.65 -2.42 -30.25
C GLY A 42 20.14 -3.07 -28.97
N GLY A 43 19.32 -4.08 -29.10
CA GLY A 43 18.85 -4.81 -27.93
C GLY A 43 17.67 -4.16 -27.26
N VAL A 44 17.29 -4.77 -26.14
CA VAL A 44 16.05 -4.47 -25.42
CA VAL A 44 16.07 -4.43 -25.42
C VAL A 44 16.30 -4.46 -23.91
N ILE A 45 15.63 -3.55 -23.19
CA ILE A 45 15.75 -3.52 -21.70
C ILE A 45 14.43 -3.84 -21.03
N HIS A 46 13.33 -3.87 -21.77
CA HIS A 46 12.03 -4.19 -21.20
C HIS A 46 11.11 -4.62 -22.33
N ILE A 47 10.35 -5.65 -22.05
CA ILE A 47 9.36 -6.14 -23.00
C ILE A 47 8.16 -6.70 -22.26
N TYR A 48 6.97 -6.44 -22.80
CA TYR A 48 5.78 -6.99 -22.28
C TYR A 48 4.83 -7.47 -23.38
N VAL A 49 4.51 -8.76 -23.35
CA VAL A 49 3.59 -9.36 -24.31
C VAL A 49 2.20 -9.23 -23.74
N ASP A 50 1.35 -8.46 -24.40
CA ASP A 50 -0.02 -8.30 -23.94
C ASP A 50 -0.80 -9.59 -24.33
N LYS A 51 -1.12 -10.39 -23.33
CA LYS A 51 -1.88 -11.66 -23.50
C LYS A 51 -3.39 -11.48 -23.59
N TYR A 52 -3.89 -10.25 -23.46
CA TYR A 52 -5.33 -10.04 -23.45
C TYR A 52 -5.90 -9.34 -24.69
N SER A 53 -5.18 -8.37 -25.26
CA SER A 53 -5.75 -7.59 -26.35
C SER A 53 -5.80 -8.44 -27.61
N ALA A 54 -6.92 -8.31 -28.30
CA ALA A 54 -7.16 -9.00 -29.55
C ALA A 54 -6.15 -8.54 -30.65
N GLN A 55 -5.62 -7.32 -30.56
CA GLN A 55 -4.69 -6.76 -31.55
C GLN A 55 -3.29 -7.42 -31.60
N GLY A 56 -2.89 -8.18 -30.57
CA GLY A 56 -1.61 -8.88 -30.59
C GLY A 56 -0.43 -7.92 -30.38
N ASN A 57 -0.45 -7.24 -29.23
CA ASN A 57 0.45 -6.17 -28.90
C ASN A 57 1.62 -6.65 -28.08
N VAL A 58 2.80 -6.13 -28.45
CA VAL A 58 4.02 -6.28 -27.70
C VAL A 58 4.62 -4.92 -27.46
N TYR A 59 4.86 -4.60 -26.16
CA TYR A 59 5.54 -3.36 -25.75
C TYR A 59 7.01 -3.58 -25.53
N VAL A 60 7.82 -2.64 -26.03
CA VAL A 60 9.26 -2.76 -26.02
C VAL A 60 9.91 -1.42 -25.64
N LYS A 61 10.94 -1.50 -24.79
CA LYS A 61 11.81 -0.39 -24.48
C LYS A 61 13.24 -0.78 -24.82
N CYS A 62 13.91 0.06 -25.62
CA CYS A 62 15.30 -0.12 -26.01
C CYS A 62 16.20 0.71 -25.14
N PRO A 63 17.51 0.42 -25.13
CA PRO A 63 18.42 1.17 -24.23
C PRO A 63 18.65 2.61 -24.64
N SER A 64 18.30 2.96 -25.87
CA SER A 64 18.47 4.30 -26.38
C SER A 64 17.44 4.61 -27.46
N ILE A 65 17.29 5.90 -27.74
CA ILE A 65 16.47 6.36 -28.86
C ILE A 65 16.99 5.82 -30.19
N ALA A 66 18.30 5.84 -30.41
CA ALA A 66 18.91 5.31 -31.65
C ALA A 66 18.57 3.81 -31.88
N ALA A 67 18.63 3.03 -30.80
CA ALA A 67 18.30 1.61 -30.88
C ALA A 67 16.78 1.39 -31.21
N ALA A 68 15.92 2.19 -30.61
CA ALA A 68 14.50 2.16 -30.93
C ALA A 68 14.19 2.50 -32.42
N ILE A 69 14.89 3.50 -32.97
CA ILE A 69 14.67 3.91 -34.32
C ILE A 69 15.11 2.83 -35.28
N ALA A 70 16.28 2.23 -35.00
CA ALA A 70 16.72 1.17 -35.83
C ALA A 70 15.72 -0.03 -35.78
N ALA A 71 15.22 -0.35 -34.60
CA ALA A 71 14.28 -1.47 -34.43
C ALA A 71 12.95 -1.19 -35.09
N VAL A 72 12.38 -0.03 -34.84
CA VAL A 72 11.10 0.32 -35.49
C VAL A 72 11.21 0.30 -37.01
N ASN A 73 12.23 0.96 -37.56
CA ASN A 73 12.42 0.94 -39.02
C ASN A 73 12.59 -0.47 -39.59
N ALA A 74 13.27 -1.36 -38.88
CA ALA A 74 13.47 -2.70 -39.41
C ALA A 74 12.25 -3.63 -39.17
N LEU A 75 11.44 -3.37 -38.14
CA LEU A 75 10.31 -4.28 -37.79
C LEU A 75 9.01 -3.90 -38.43
N HIS A 76 8.80 -2.60 -38.68
CA HIS A 76 7.55 -2.14 -39.20
C HIS A 76 7.32 -2.67 -40.60
N GLY A 77 6.15 -3.29 -40.85
CA GLY A 77 5.84 -3.79 -42.19
C GLY A 77 6.40 -5.16 -42.53
N ARG A 78 6.98 -5.82 -41.55
CA ARG A 78 7.44 -7.18 -41.76
C ARG A 78 6.26 -8.14 -41.66
N TRP A 79 6.43 -9.30 -42.30
CA TRP A 79 5.58 -10.45 -42.04
C TRP A 79 6.05 -11.15 -40.76
N PHE A 80 5.09 -11.55 -39.92
CA PHE A 80 5.36 -12.43 -38.80
C PHE A 80 4.23 -13.47 -38.74
N ALA A 81 4.58 -14.74 -38.88
CA ALA A 81 3.57 -15.83 -38.94
C ALA A 81 2.42 -15.56 -39.89
N GLY A 82 2.72 -15.12 -41.10
CA GLY A 82 1.70 -14.91 -42.12
C GLY A 82 0.84 -13.66 -42.00
N LYS A 83 1.23 -12.71 -41.15
CA LYS A 83 0.45 -11.46 -40.96
C LYS A 83 1.38 -10.28 -40.97
N MET A 84 0.92 -9.08 -41.35
CA MET A 84 1.81 -7.91 -41.36
C MET A 84 1.81 -7.24 -39.98
N ILE A 85 3.02 -6.97 -39.46
CA ILE A 85 3.17 -6.29 -38.20
C ILE A 85 3.43 -4.82 -38.35
N THR A 86 2.84 -4.08 -37.42
CA THR A 86 3.03 -2.64 -37.30
C THR A 86 3.88 -2.32 -36.04
N ALA A 87 4.75 -1.32 -36.16
CA ALA A 87 5.58 -0.85 -35.05
C ALA A 87 5.36 0.62 -34.92
N ALA A 88 5.00 1.10 -33.73
CA ALA A 88 4.73 2.52 -33.51
C ALA A 88 5.38 2.99 -32.20
N TYR A 89 5.88 4.22 -32.18
CA TYR A 89 6.54 4.78 -31.02
C TYR A 89 5.53 5.01 -29.94
N VAL A 90 5.96 4.85 -28.72
CA VAL A 90 5.14 5.20 -27.54
C VAL A 90 5.86 6.30 -26.76
N PRO A 91 5.17 7.42 -26.48
CA PRO A 91 5.83 8.48 -25.65
C PRO A 91 6.30 7.91 -24.29
N LEU A 92 7.48 8.33 -23.87
CA LEU A 92 8.08 7.86 -22.65
C LEU A 92 7.17 7.98 -21.40
N PRO A 93 6.40 9.08 -21.22
CA PRO A 93 5.48 9.09 -20.06
C PRO A 93 4.28 8.13 -20.16
N THR A 94 3.79 7.90 -21.38
CA THR A 94 2.74 6.91 -21.58
C THR A 94 3.30 5.52 -21.21
N TYR A 95 4.52 5.22 -21.62
CA TYR A 95 5.10 3.92 -21.38
C TYR A 95 5.38 3.67 -19.90
N HIS A 96 5.92 4.68 -19.23
CA HIS A 96 6.22 4.61 -17.84
C HIS A 96 4.99 4.57 -16.91
N ASN A 97 3.90 5.16 -17.34
CA ASN A 97 2.63 5.01 -16.67
C ASN A 97 2.12 3.53 -16.72
N LEU A 98 2.26 2.89 -17.89
CA LEU A 98 1.91 1.50 -18.03
C LEU A 98 2.84 0.58 -17.25
N PHE A 99 4.12 0.86 -17.32
CA PHE A 99 5.19 -0.02 -16.84
C PHE A 99 6.23 0.73 -16.00
N PRO A 100 5.89 1.05 -14.73
CA PRO A 100 6.76 1.93 -13.94
C PRO A 100 8.12 1.29 -13.71
N ASP A 101 8.21 -0.03 -13.59
CA ASP A 101 9.52 -0.68 -13.42
C ASP A 101 10.48 -0.56 -14.58
N SER A 102 9.99 -0.26 -15.76
CA SER A 102 10.87 -0.03 -16.88
C SER A 102 11.68 1.28 -16.75
N MET A 103 11.28 2.17 -15.83
CA MET A 103 11.94 3.50 -15.68
C MET A 103 13.42 3.36 -15.38
N THR A 104 13.76 2.38 -14.56
CA THR A 104 15.13 2.12 -14.11
C THR A 104 15.77 0.86 -14.70
N ALA A 105 15.05 0.10 -15.53
CA ALA A 105 15.68 -0.96 -16.32
C ALA A 105 16.90 -0.45 -17.11
N THR A 106 17.97 -1.20 -17.06
CA THR A 106 19.22 -0.88 -17.77
C THR A 106 19.87 -2.10 -18.39
N GLN A 107 19.59 -3.28 -17.86
CA GLN A 107 20.23 -4.50 -18.29
C GLN A 107 19.60 -5.03 -19.57
N LEU A 108 20.43 -5.42 -20.52
CA LEU A 108 19.93 -5.97 -21.76
C LEU A 108 19.32 -7.33 -21.49
N LEU A 109 18.14 -7.59 -22.08
CA LEU A 109 17.48 -8.87 -21.90
C LEU A 109 18.02 -9.98 -22.80
N VAL A 110 17.88 -11.20 -22.29
CA VAL A 110 18.35 -12.41 -22.94
C VAL A 110 17.13 -13.31 -23.12
N PRO A 111 17.00 -13.97 -24.30
CA PRO A 111 15.89 -14.91 -24.48
C PRO A 111 15.94 -16.06 -23.48
N SER A 112 14.77 -16.58 -23.12
CA SER A 112 14.67 -17.76 -22.24
C SER A 112 15.14 -19.06 -22.87
N ARG A 113 14.73 -19.29 -24.12
CA ARG A 113 15.14 -20.48 -24.85
C ARG A 113 16.52 -20.30 -25.43
N ARG A 114 17.08 -21.40 -25.91
CA ARG A 114 18.36 -21.39 -26.68
C ARG A 114 18.17 -21.21 -28.20
N ARG B 6 11.66 -23.56 -35.45
CA ARG B 6 10.66 -22.46 -35.21
C ARG B 6 10.93 -21.34 -36.18
N LYS B 7 9.94 -21.01 -37.01
CA LYS B 7 10.14 -19.93 -37.94
C LYS B 7 8.86 -19.11 -38.11
N TYR B 8 8.94 -17.85 -37.68
CA TYR B 8 7.80 -16.93 -37.76
C TYR B 8 8.13 -15.60 -38.42
N TRP B 9 9.32 -15.02 -38.17
CA TRP B 9 9.76 -13.82 -38.90
C TRP B 9 9.83 -14.03 -40.45
N ASP B 10 9.27 -13.14 -41.26
CA ASP B 10 9.34 -13.18 -42.77
C ASP B 10 8.62 -14.34 -43.43
N VAL B 11 7.67 -14.93 -42.73
CA VAL B 11 6.83 -16.01 -43.23
C VAL B 11 5.56 -15.38 -43.79
N PRO B 12 5.38 -15.40 -45.13
CA PRO B 12 4.21 -14.81 -45.72
C PRO B 12 3.01 -15.72 -45.55
N PRO B 13 1.82 -15.21 -45.88
CA PRO B 13 0.64 -16.00 -45.69
C PRO B 13 0.69 -17.23 -46.64
N PRO B 14 0.05 -18.36 -46.26
CA PRO B 14 -0.18 -19.60 -47.11
C PRO B 14 -0.48 -19.34 -48.57
N GLN C 3 45.24 8.52 -19.51
CA GLN C 3 46.19 8.42 -20.66
C GLN C 3 45.71 7.45 -21.76
N PRO C 4 45.30 6.19 -21.41
CA PRO C 4 44.79 5.32 -22.48
C PRO C 4 43.47 5.80 -23.11
N LEU C 5 43.43 5.80 -24.44
CA LEU C 5 42.32 6.35 -25.18
C LEU C 5 41.26 5.26 -25.26
N ALA C 6 40.01 5.66 -25.04
CA ALA C 6 38.88 4.76 -25.04
C ALA C 6 38.48 4.38 -26.50
N THR C 7 38.19 3.09 -26.70
CA THR C 7 37.73 2.51 -28.00
C THR C 7 36.49 1.60 -27.78
N GLN C 8 36.00 0.90 -28.81
CA GLN C 8 34.93 -0.10 -28.64
C GLN C 8 35.47 -1.45 -28.14
N CYS C 9 36.78 -1.61 -28.08
CA CYS C 9 37.41 -2.87 -27.77
C CYS C 9 38.23 -2.88 -26.52
N PHE C 10 38.22 -4.02 -25.82
CA PHE C 10 39.06 -4.19 -24.68
C PHE C 10 39.49 -5.62 -24.47
N GLN C 11 40.46 -5.76 -23.60
CA GLN C 11 41.01 -7.05 -23.20
C GLN C 11 40.88 -7.20 -21.69
N LEU C 12 40.37 -8.32 -21.25
CA LEU C 12 40.38 -8.72 -19.89
C LEU C 12 41.48 -9.69 -19.69
N SER C 13 42.17 -9.59 -18.56
CA SER C 13 43.26 -10.48 -18.19
CA SER C 13 43.27 -10.51 -18.19
C SER C 13 43.09 -11.03 -16.79
N ASN C 14 43.68 -12.20 -16.54
CA ASN C 14 43.67 -12.91 -15.26
C ASN C 14 42.38 -13.59 -14.97
N MET C 15 41.69 -13.98 -16.03
CA MET C 15 40.36 -14.59 -15.93
C MET C 15 40.40 -16.09 -15.72
N PHE C 16 41.54 -16.71 -15.92
CA PHE C 16 41.71 -18.16 -15.80
C PHE C 16 43.19 -18.45 -16.07
N ASN C 17 43.60 -19.68 -15.80
CA ASN C 17 44.92 -20.17 -16.19
C ASN C 17 44.67 -21.42 -17.04
N PRO C 18 44.95 -21.35 -18.36
CA PRO C 18 44.69 -22.52 -19.22
C PRO C 18 45.30 -23.88 -18.77
N GLN C 19 46.47 -23.86 -18.13
CA GLN C 19 47.12 -25.08 -17.65
C GLN C 19 46.25 -25.82 -16.61
N THR C 20 45.62 -25.06 -15.72
CA THR C 20 44.77 -25.61 -14.66
C THR C 20 43.27 -25.71 -15.03
N GLU C 21 42.93 -25.56 -16.31
CA GLU C 21 41.54 -25.73 -16.76
C GLU C 21 41.39 -27.10 -17.43
N GLU C 22 40.71 -28.02 -16.74
CA GLU C 22 40.55 -29.41 -17.21
C GLU C 22 39.15 -29.70 -17.81
N GLU C 23 38.11 -29.17 -17.15
CA GLU C 23 36.71 -29.43 -17.54
C GLU C 23 36.42 -29.07 -19.00
N VAL C 24 35.73 -29.94 -19.74
CA VAL C 24 35.46 -29.72 -21.18
C VAL C 24 34.49 -28.54 -21.38
N GLY C 25 34.77 -27.70 -22.38
CA GLY C 25 34.00 -26.48 -22.63
C GLY C 25 34.11 -25.36 -21.59
N TRP C 26 35.21 -25.34 -20.82
CA TRP C 26 35.48 -24.29 -19.84
C TRP C 26 35.51 -22.88 -20.47
N ASP C 27 36.04 -22.78 -21.69
CA ASP C 27 36.19 -21.51 -22.39
C ASP C 27 34.83 -20.93 -22.81
N THR C 28 33.90 -21.80 -23.15
CA THR C 28 32.53 -21.44 -23.45
C THR C 28 31.81 -20.89 -22.22
N GLU C 29 32.09 -21.43 -21.05
CA GLU C 29 31.53 -20.91 -19.81
C GLU C 29 32.10 -19.51 -19.45
N ILE C 30 33.41 -19.31 -19.69
CA ILE C 30 34.03 -17.99 -19.47
C ILE C 30 33.37 -16.98 -20.40
N LYS C 31 33.19 -17.36 -21.66
CA LYS C 31 32.54 -16.49 -22.62
C LYS C 31 31.15 -16.06 -22.18
N ASP C 32 30.37 -17.02 -21.69
CA ASP C 32 29.05 -16.74 -21.16
C ASP C 32 29.11 -15.85 -19.92
N ASP C 33 30.11 -16.06 -19.07
CA ASP C 33 30.26 -15.22 -17.86
C ASP C 33 30.50 -13.77 -18.27
N VAL C 34 31.31 -13.56 -19.31
CA VAL C 34 31.62 -12.19 -19.78
C VAL C 34 30.42 -11.53 -20.48
N ILE C 35 29.74 -12.30 -21.31
CA ILE C 35 28.54 -11.79 -22.01
C ILE C 35 27.47 -11.39 -21.00
N GLU C 36 27.16 -12.27 -20.06
CA GLU C 36 26.16 -11.95 -19.03
C GLU C 36 26.50 -10.69 -18.28
N GLU C 37 27.75 -10.54 -17.88
CA GLU C 37 28.17 -9.36 -17.11
C GLU C 37 28.14 -8.10 -17.98
N CYS C 38 28.56 -8.19 -19.23
CA CYS C 38 28.50 -7.00 -20.12
C CYS C 38 27.08 -6.61 -20.56
N ASN C 39 26.07 -7.47 -20.37
CA ASN C 39 24.68 -7.07 -20.61
C ASN C 39 24.17 -6.02 -19.65
N LYS C 40 24.81 -5.90 -18.50
CA LYS C 40 24.58 -4.78 -17.62
C LYS C 40 25.10 -3.46 -18.12
N HIS C 41 25.91 -3.42 -19.19
CA HIS C 41 26.62 -2.22 -19.61
C HIS C 41 26.57 -1.91 -21.11
N GLY C 42 25.66 -2.49 -21.88
CA GLY C 42 25.60 -2.20 -23.31
C GLY C 42 25.77 -3.40 -24.23
N GLY C 43 26.19 -4.54 -23.67
CA GLY C 43 26.34 -5.74 -24.44
C GLY C 43 27.67 -5.85 -25.19
N VAL C 44 27.72 -6.86 -26.05
CA VAL C 44 28.90 -7.27 -26.76
CA VAL C 44 28.92 -7.31 -26.74
C VAL C 44 28.57 -7.72 -28.19
N ILE C 45 29.46 -7.42 -29.13
CA ILE C 45 29.29 -7.89 -30.53
C ILE C 45 30.40 -8.85 -30.99
N HIS C 46 31.47 -9.01 -30.20
CA HIS C 46 32.49 -9.98 -30.48
C HIS C 46 33.25 -10.32 -29.19
N ILE C 47 33.51 -11.61 -29.02
CA ILE C 47 34.31 -12.06 -27.91
C ILE C 47 35.19 -13.21 -28.33
N TYR C 48 36.42 -13.24 -27.83
CA TYR C 48 37.30 -14.36 -27.99
C TYR C 48 38.03 -14.68 -26.70
N VAL C 49 37.89 -15.94 -26.24
CA VAL C 49 38.63 -16.44 -25.09
C VAL C 49 39.93 -17.05 -25.57
N ASP C 50 41.06 -16.47 -25.18
CA ASP C 50 42.35 -16.99 -25.60
C ASP C 50 42.68 -18.21 -24.75
N LYS C 51 42.65 -19.37 -25.38
CA LYS C 51 42.92 -20.64 -24.66
C LYS C 51 44.38 -20.99 -24.53
N TYR C 52 45.28 -20.16 -25.03
CA TYR C 52 46.71 -20.50 -25.02
C TYR C 52 47.56 -19.63 -24.13
N SER C 53 47.26 -18.35 -24.00
CA SER C 53 48.10 -17.48 -23.17
C SER C 53 47.91 -17.76 -21.70
N ALA C 54 49.05 -17.79 -21.02
CA ALA C 54 49.11 -18.03 -19.61
C ALA C 54 48.40 -16.92 -18.81
N GLN C 55 48.32 -15.71 -19.38
CA GLN C 55 47.74 -14.54 -18.72
C GLN C 55 46.21 -14.61 -18.55
N GLY C 56 45.52 -15.50 -19.26
CA GLY C 56 44.04 -15.60 -19.06
C GLY C 56 43.29 -14.43 -19.66
N ASN C 57 43.48 -14.26 -20.96
CA ASN C 57 42.97 -13.16 -21.73
C ASN C 57 41.68 -13.47 -22.43
N VAL C 58 40.80 -12.48 -22.38
CA VAL C 58 39.53 -12.46 -23.10
C VAL C 58 39.44 -11.14 -23.83
N TYR C 59 39.21 -11.22 -25.15
CA TYR C 59 39.02 -10.07 -26.01
C TYR C 59 37.58 -9.79 -26.24
N VAL C 60 37.20 -8.52 -26.17
CA VAL C 60 35.82 -8.09 -26.20
C VAL C 60 35.67 -6.83 -27.07
N LYS C 61 34.66 -6.85 -27.94
CA LYS C 61 34.26 -5.65 -28.72
C LYS C 61 32.81 -5.38 -28.41
N CYS C 62 32.55 -4.14 -27.98
CA CYS C 62 31.18 -3.67 -27.64
C CYS C 62 30.61 -2.95 -28.83
N PRO C 63 29.28 -2.77 -28.88
CA PRO C 63 28.67 -2.03 -30.02
C PRO C 63 29.00 -0.56 -30.13
N SER C 64 29.49 0.05 -29.06
CA SER C 64 29.85 1.46 -29.06
C SER C 64 30.96 1.76 -28.06
N ILE C 65 31.58 2.93 -28.24
CA ILE C 65 32.61 3.40 -27.35
C ILE C 65 32.00 3.56 -25.97
N ALA C 66 30.80 4.09 -25.87
CA ALA C 66 30.16 4.30 -24.56
C ALA C 66 29.98 3.01 -23.82
N ALA C 67 29.55 1.98 -24.54
CA ALA C 67 29.35 0.67 -23.92
C ALA C 67 30.68 0.04 -23.46
N ALA C 68 31.72 0.19 -24.24
CA ALA C 68 33.06 -0.24 -23.81
C ALA C 68 33.58 0.50 -22.55
N ILE C 69 33.32 1.80 -22.45
CA ILE C 69 33.76 2.58 -21.28
C ILE C 69 33.04 2.11 -20.06
N ALA C 70 31.73 1.90 -20.19
CA ALA C 70 30.95 1.45 -19.03
C ALA C 70 31.44 0.06 -18.58
N ALA C 71 31.74 -0.81 -19.53
CA ALA C 71 32.25 -2.17 -19.23
C ALA C 71 33.61 -2.15 -18.61
N VAL C 72 34.54 -1.42 -19.20
CA VAL C 72 35.89 -1.37 -18.66
C VAL C 72 35.92 -0.76 -17.23
N ASN C 73 35.26 0.38 -17.01
CA ASN C 73 35.12 0.92 -15.68
C ASN C 73 34.43 0.00 -14.68
N ALA C 74 33.47 -0.80 -15.09
CA ALA C 74 32.86 -1.74 -14.12
C ALA C 74 33.61 -3.04 -13.90
N LEU C 75 34.41 -3.48 -14.89
CA LEU C 75 35.10 -4.81 -14.80
C LEU C 75 36.51 -4.74 -14.23
N HIS C 76 37.19 -3.63 -14.45
CA HIS C 76 38.56 -3.48 -14.05
C HIS C 76 38.66 -3.51 -12.53
N GLY C 77 39.54 -4.36 -12.00
CA GLY C 77 39.73 -4.43 -10.57
C GLY C 77 38.76 -5.33 -9.81
N ARG C 78 37.89 -6.02 -10.53
CA ARG C 78 36.96 -6.94 -9.91
C ARG C 78 37.68 -8.26 -9.62
N TRP C 79 37.17 -8.95 -8.61
CA TRP C 79 37.53 -10.31 -8.35
C TRP C 79 36.77 -11.18 -9.33
N PHE C 80 37.46 -12.17 -9.90
CA PHE C 80 36.81 -13.27 -10.66
C PHE C 80 37.47 -14.56 -10.25
N ALA C 81 36.72 -15.45 -9.62
CA ALA C 81 37.25 -16.74 -9.13
C ALA C 81 38.50 -16.59 -8.27
N GLY C 82 38.48 -15.63 -7.37
CA GLY C 82 39.55 -15.47 -6.39
C GLY C 82 40.80 -14.75 -6.88
N LYS C 83 40.72 -14.13 -8.03
CA LYS C 83 41.87 -13.42 -8.61
C LYS C 83 41.42 -12.04 -9.06
N MET C 84 42.31 -11.05 -9.10
CA MET C 84 41.91 -9.75 -9.58
C MET C 84 42.06 -9.65 -11.10
N ILE C 85 41.03 -9.12 -11.75
CA ILE C 85 41.06 -8.95 -13.21
C ILE C 85 41.35 -7.52 -13.61
N THR C 86 42.05 -7.42 -14.73
CA THR C 86 42.39 -6.18 -15.33
C THR C 86 41.60 -6.05 -16.65
N ALA C 87 41.18 -4.84 -16.95
CA ALA C 87 40.52 -4.53 -18.21
C ALA C 87 41.26 -3.39 -18.85
N ALA C 88 41.60 -3.50 -20.12
CA ALA C 88 42.35 -2.43 -20.79
C ALA C 88 41.79 -2.27 -22.20
N TYR C 89 41.76 -1.03 -22.69
CA TYR C 89 41.38 -0.72 -24.04
C TYR C 89 42.36 -1.26 -25.06
N VAL C 90 41.83 -1.74 -26.17
CA VAL C 90 42.67 -2.16 -27.33
C VAL C 90 42.38 -1.22 -28.48
N PRO C 91 43.44 -0.62 -29.11
CA PRO C 91 43.16 0.22 -30.26
C PRO C 91 42.43 -0.59 -31.34
N LEU C 92 41.49 0.06 -32.00
CA LEU C 92 40.69 -0.56 -33.02
C LEU C 92 41.55 -1.28 -34.11
N PRO C 93 42.66 -0.68 -34.60
CA PRO C 93 43.41 -1.40 -35.65
C PRO C 93 44.18 -2.61 -35.12
N THR C 94 44.60 -2.58 -33.87
CA THR C 94 45.20 -3.74 -33.26
C THR C 94 44.17 -4.84 -33.14
N TYR C 95 42.95 -4.51 -32.73
CA TYR C 95 41.92 -5.48 -32.53
C TYR C 95 41.49 -6.12 -33.88
N HIS C 96 41.34 -5.28 -34.90
CA HIS C 96 40.93 -5.73 -36.21
C HIS C 96 41.97 -6.55 -36.94
N ASN C 97 43.22 -6.29 -36.66
CA ASN C 97 44.31 -7.15 -37.15
C ASN C 97 44.23 -8.58 -36.58
N LEU C 98 43.91 -8.67 -35.28
CA LEU C 98 43.72 -9.95 -34.66
C LEU C 98 42.47 -10.63 -35.09
N PHE C 99 41.39 -9.87 -35.20
CA PHE C 99 40.03 -10.41 -35.47
C PHE C 99 39.36 -9.61 -36.60
N PRO C 100 39.79 -9.81 -37.88
CA PRO C 100 39.20 -9.09 -39.00
C PRO C 100 37.67 -9.23 -39.13
N ASP C 101 37.08 -10.38 -38.86
CA ASP C 101 35.64 -10.54 -38.94
C ASP C 101 34.84 -9.65 -37.93
N SER C 102 35.48 -9.19 -36.84
CA SER C 102 34.78 -8.28 -35.90
C SER C 102 34.54 -6.89 -36.51
N MET C 103 35.21 -6.57 -37.63
CA MET C 103 35.07 -5.27 -38.27
CA MET C 103 35.07 -5.27 -38.27
C MET C 103 33.61 -4.95 -38.59
N THR C 104 32.88 -5.95 -39.05
CA THR C 104 31.47 -5.79 -39.49
C THR C 104 30.45 -6.44 -38.58
N ALA C 105 30.88 -7.09 -37.50
CA ALA C 105 29.95 -7.54 -36.48
C ALA C 105 29.03 -6.39 -36.05
N THR C 106 27.76 -6.68 -35.89
CA THR C 106 26.78 -5.73 -35.42
C THR C 106 25.78 -6.34 -34.47
N GLN C 107 25.56 -7.63 -34.55
CA GLN C 107 24.55 -8.31 -33.74
C GLN C 107 25.03 -8.55 -32.29
N LEU C 108 24.20 -8.22 -31.32
CA LEU C 108 24.52 -8.47 -29.93
C LEU C 108 24.55 -9.98 -29.63
N LEU C 109 25.57 -10.41 -28.92
CA LEU C 109 25.73 -11.81 -28.57
C LEU C 109 24.90 -12.26 -27.38
N VAL C 110 24.55 -13.53 -27.43
CA VAL C 110 23.70 -14.19 -26.43
C VAL C 110 24.54 -15.34 -25.86
N PRO C 111 24.48 -15.53 -24.55
CA PRO C 111 25.19 -16.68 -23.98
C PRO C 111 24.68 -18.01 -24.52
N SER C 112 25.55 -19.01 -24.58
CA SER C 112 25.16 -20.39 -24.94
C SER C 112 24.28 -21.09 -23.92
N ARG C 113 24.66 -21.01 -22.65
CA ARG C 113 23.89 -21.63 -21.58
C ARG C 113 22.69 -20.76 -21.23
N ARG C 114 21.68 -21.35 -20.58
CA ARG C 114 20.60 -20.58 -19.95
C ARG C 114 20.59 -20.70 -18.44
N VAL D 5 25.09 -24.10 -8.23
CA VAL D 5 25.09 -22.96 -9.21
C VAL D 5 26.50 -22.40 -9.41
N ARG D 6 26.73 -21.82 -10.59
CA ARG D 6 28.05 -21.29 -10.98
C ARG D 6 28.20 -19.87 -10.43
N LYS D 7 29.30 -19.63 -9.71
CA LYS D 7 29.57 -18.28 -9.16
C LYS D 7 31.06 -18.00 -9.24
N TYR D 8 31.43 -17.09 -10.14
CA TYR D 8 32.84 -16.65 -10.26
C TYR D 8 33.01 -15.14 -10.12
N TRP D 9 32.07 -14.35 -10.63
CA TRP D 9 32.14 -12.92 -10.44
C TRP D 9 32.11 -12.61 -8.94
N ASP D 10 32.95 -11.65 -8.54
CA ASP D 10 32.97 -11.09 -7.18
C ASP D 10 33.30 -12.07 -6.06
N VAL D 11 33.97 -13.17 -6.40
CA VAL D 11 34.35 -14.19 -5.46
C VAL D 11 35.79 -13.87 -5.03
N PRO D 12 36.01 -13.55 -3.74
CA PRO D 12 37.35 -13.21 -3.27
C PRO D 12 38.19 -14.43 -3.10
N PRO D 13 39.48 -14.25 -2.89
CA PRO D 13 40.31 -15.37 -2.58
C PRO D 13 39.90 -16.05 -1.27
N PRO D 14 40.20 -17.35 -1.13
CA PRO D 14 39.94 -18.04 0.15
C PRO D 14 40.60 -17.37 1.37
N GLY D 15 39.80 -17.19 2.43
CA GLY D 15 40.29 -16.80 3.76
C GLY D 15 40.17 -17.92 4.78
N VAL E 2 35.03 12.92 -33.07
CA VAL E 2 35.64 13.48 -31.80
C VAL E 2 35.95 12.32 -30.84
N GLN E 3 37.22 12.19 -30.45
CA GLN E 3 37.67 11.21 -29.45
C GLN E 3 36.83 11.30 -28.18
N PRO E 4 36.07 10.22 -27.86
CA PRO E 4 35.30 10.26 -26.62
C PRO E 4 36.11 10.18 -25.35
N LEU E 5 35.65 10.93 -24.34
CA LEU E 5 36.08 10.83 -22.96
C LEU E 5 34.99 10.26 -22.05
N ALA E 6 35.41 9.52 -21.03
CA ALA E 6 34.49 9.09 -19.96
C ALA E 6 33.94 10.34 -19.19
N THR E 7 33.02 10.99 -19.91
CA THR E 7 32.41 12.17 -19.43
C THR E 7 31.05 12.38 -19.92
N GLN E 8 30.28 12.91 -19.02
CA GLN E 8 28.90 13.35 -19.22
C GLN E 8 28.75 14.78 -19.74
N CYS E 9 29.85 15.51 -19.87
CA CYS E 9 29.82 16.93 -20.19
C CYS E 9 30.46 17.31 -21.49
N PHE E 10 29.91 18.32 -22.15
CA PHE E 10 30.54 18.90 -23.28
C PHE E 10 30.25 20.39 -23.43
N GLN E 11 31.01 20.98 -24.34
CA GLN E 11 30.91 22.38 -24.70
C GLN E 11 30.62 22.49 -26.21
N LEU E 12 29.61 23.26 -26.56
CA LEU E 12 29.33 23.65 -27.94
C LEU E 12 29.91 25.04 -28.12
N SER E 13 30.45 25.27 -29.31
CA SER E 13 31.01 26.56 -29.71
C SER E 13 30.52 26.99 -31.08
N ASN E 14 30.58 28.30 -31.33
CA ASN E 14 30.13 28.96 -32.54
C ASN E 14 28.60 28.99 -32.70
N MET E 15 27.90 28.96 -31.56
CA MET E 15 26.44 28.95 -31.54
C MET E 15 25.79 30.35 -31.70
N PHE E 16 26.56 31.41 -31.56
CA PHE E 16 26.06 32.79 -31.58
C PHE E 16 27.24 33.70 -31.37
N ASN E 17 27.04 34.98 -31.59
CA ASN E 17 28.06 36.00 -31.30
C ASN E 17 27.38 37.02 -30.37
N PRO E 18 27.79 37.08 -29.08
CA PRO E 18 27.07 37.96 -28.12
C PRO E 18 26.97 39.44 -28.54
N GLN E 19 27.97 39.95 -29.26
CA GLN E 19 27.97 41.35 -29.73
C GLN E 19 26.80 41.63 -30.67
N THR E 20 26.50 40.68 -31.56
CA THR E 20 25.40 40.81 -32.52
C THR E 20 24.04 40.24 -32.05
N GLU E 21 23.89 39.95 -30.77
CA GLU E 21 22.60 39.45 -30.22
C GLU E 21 21.91 40.59 -29.46
N GLU E 22 20.84 41.11 -30.05
CA GLU E 22 20.13 42.28 -29.52
C GLU E 22 18.81 41.91 -28.83
N GLU E 23 18.05 41.00 -29.44
CA GLU E 23 16.70 40.61 -28.94
C GLU E 23 16.73 40.11 -27.47
N VAL E 24 15.79 40.57 -26.66
CA VAL E 24 15.78 40.24 -25.22
C VAL E 24 15.45 38.76 -25.03
N GLY E 25 16.16 38.11 -24.10
CA GLY E 25 16.02 36.66 -23.86
C GLY E 25 16.53 35.73 -24.96
N TRP E 26 17.47 36.22 -25.78
CA TRP E 26 18.09 35.41 -26.84
C TRP E 26 18.78 34.16 -26.30
N ASP E 27 19.40 34.29 -25.13
CA ASP E 27 20.15 33.20 -24.50
C ASP E 27 19.22 32.08 -24.02
N THR E 28 18.02 32.44 -23.58
CA THR E 28 16.98 31.48 -23.24
C THR E 28 16.49 30.69 -24.47
N GLU E 29 16.41 31.34 -25.62
CA GLU E 29 16.04 30.66 -26.85
C GLU E 29 17.13 29.68 -27.32
N ILE E 30 18.40 30.09 -27.19
CA ILE E 30 19.53 29.19 -27.49
C ILE E 30 19.45 27.94 -26.58
N LYS E 31 19.18 28.17 -25.30
CA LYS E 31 19.11 27.07 -24.34
C LYS E 31 18.03 26.07 -24.73
N ASP E 32 16.86 26.60 -25.10
CA ASP E 32 15.77 25.76 -25.59
C ASP E 32 16.13 25.02 -26.89
N ASP E 33 16.88 25.67 -27.78
CA ASP E 33 17.30 25.03 -29.01
C ASP E 33 18.17 23.83 -28.70
N VAL E 34 19.02 23.96 -27.68
CA VAL E 34 19.93 22.87 -27.34
C VAL E 34 19.20 21.73 -26.64
N ILE E 35 18.32 22.09 -25.71
CA ILE E 35 17.55 21.11 -24.99
C ILE E 35 16.71 20.30 -25.95
N GLU E 36 15.95 20.95 -26.83
CA GLU E 36 15.11 20.27 -27.82
C GLU E 36 15.92 19.29 -28.65
N GLU E 37 17.08 19.73 -29.14
CA GLU E 37 17.91 18.86 -29.94
C GLU E 37 18.52 17.70 -29.15
N CYS E 38 18.96 17.94 -27.93
CA CYS E 38 19.50 16.86 -27.10
C CYS E 38 18.45 15.85 -26.61
N ASN E 39 17.15 16.18 -26.65
CA ASN E 39 16.09 15.21 -26.37
C ASN E 39 16.02 14.06 -27.34
N LYS E 40 16.57 14.25 -28.52
CA LYS E 40 16.75 13.14 -29.47
C LYS E 40 17.84 12.16 -29.05
N HIS E 41 18.64 12.47 -28.03
CA HIS E 41 19.87 11.72 -27.73
C HIS E 41 20.07 11.39 -26.26
N GLY E 42 19.05 11.48 -25.43
CA GLY E 42 19.23 11.15 -24.00
C GLY E 42 18.95 12.30 -23.04
N GLY E 43 18.78 13.50 -23.57
CA GLY E 43 18.43 14.64 -22.74
C GLY E 43 19.60 15.30 -22.05
N VAL E 44 19.26 16.21 -21.16
CA VAL E 44 20.18 17.13 -20.52
C VAL E 44 19.80 17.32 -19.04
N ILE E 45 20.78 17.42 -18.17
CA ILE E 45 20.53 17.78 -16.72
C ILE E 45 21.07 19.15 -16.33
N HIS E 46 21.88 19.77 -17.18
CA HIS E 46 22.43 21.09 -16.87
C HIS E 46 22.85 21.74 -18.19
N ILE E 47 22.59 23.02 -18.30
CA ILE E 47 23.03 23.79 -19.41
C ILE E 47 23.33 25.23 -18.99
N TYR E 48 24.39 25.80 -19.57
CA TYR E 48 24.71 27.16 -19.36
C TYR E 48 25.15 27.82 -20.67
N VAL E 49 24.43 28.87 -21.07
CA VAL E 49 24.77 29.67 -22.23
C VAL E 49 25.71 30.79 -21.81
N ASP E 50 26.95 30.76 -22.29
CA ASP E 50 27.92 31.79 -21.93
C ASP E 50 27.59 33.07 -22.75
N LYS E 51 27.11 34.09 -22.05
CA LYS E 51 26.71 35.36 -22.71
C LYS E 51 27.87 36.30 -22.97
N TYR E 52 29.09 35.96 -22.57
CA TYR E 52 30.20 36.89 -22.61
C TYR E 52 31.28 36.52 -23.61
N SER E 53 31.55 35.24 -23.78
CA SER E 53 32.65 34.85 -24.67
C SER E 53 32.24 35.05 -26.13
N ALA E 54 33.18 35.64 -26.86
CA ALA E 54 33.04 35.89 -28.28
C ALA E 54 32.84 34.59 -29.09
N GLN E 55 33.32 33.45 -28.57
CA GLN E 55 33.25 32.15 -29.25
C GLN E 55 31.85 31.56 -29.36
N GLY E 56 30.88 32.03 -28.58
CA GLY E 56 29.53 31.50 -28.64
C GLY E 56 29.42 30.10 -28.04
N ASN E 57 29.77 30.03 -26.75
CA ASN E 57 29.87 28.76 -26.01
C ASN E 57 28.60 28.43 -25.23
N VAL E 58 28.24 27.14 -25.30
CA VAL E 58 27.20 26.55 -24.49
C VAL E 58 27.76 25.30 -23.82
N TYR E 59 27.58 25.22 -22.50
CA TYR E 59 28.02 24.12 -21.68
C TYR E 59 26.85 23.24 -21.40
N VAL E 60 27.06 21.94 -21.52
CA VAL E 60 25.99 20.95 -21.36
C VAL E 60 26.48 19.77 -20.49
N LYS E 61 25.62 19.29 -19.61
CA LYS E 61 25.83 18.01 -18.91
C LYS E 61 24.64 17.13 -19.20
N CYS E 62 24.92 15.90 -19.63
CA CYS E 62 23.91 14.87 -19.90
C CYS E 62 23.78 13.93 -18.72
N PRO E 63 22.71 13.12 -18.68
CA PRO E 63 22.54 12.23 -17.51
C PRO E 63 23.51 11.06 -17.46
N SER E 64 24.17 10.76 -18.58
CA SER E 64 25.09 9.65 -18.68
C SER E 64 26.16 9.89 -19.75
N ILE E 65 27.25 9.14 -19.65
CA ILE E 65 28.31 9.19 -20.63
C ILE E 65 27.79 8.80 -22.00
N ALA E 66 26.97 7.75 -22.09
CA ALA E 66 26.34 7.34 -23.36
C ALA E 66 25.52 8.46 -24.01
N ALA E 67 24.73 9.15 -23.21
CA ALA E 67 23.91 10.28 -23.71
C ALA E 67 24.80 11.47 -24.20
N ALA E 68 25.88 11.79 -23.51
CA ALA E 68 26.88 12.77 -23.99
C ALA E 68 27.62 12.40 -25.26
N ILE E 69 27.99 11.12 -25.40
CA ILE E 69 28.58 10.66 -26.65
C ILE E 69 27.61 10.78 -27.82
N ALA E 70 26.39 10.33 -27.61
CA ALA E 70 25.42 10.37 -28.70
C ALA E 70 25.17 11.85 -29.09
N ALA E 71 25.11 12.75 -28.11
CA ALA E 71 24.90 14.17 -28.40
C ALA E 71 26.11 14.81 -29.13
N VAL E 72 27.33 14.57 -28.64
CA VAL E 72 28.51 15.12 -29.22
C VAL E 72 28.64 14.62 -30.69
N ASN E 73 28.53 13.33 -30.91
CA ASN E 73 28.56 12.79 -32.27
C ASN E 73 27.46 13.34 -33.19
N ALA E 74 26.28 13.63 -32.67
CA ALA E 74 25.22 14.18 -33.53
C ALA E 74 25.30 15.71 -33.71
N LEU E 75 25.90 16.44 -32.78
CA LEU E 75 25.94 17.92 -32.84
C LEU E 75 27.20 18.51 -33.46
N HIS E 76 28.31 17.81 -33.34
CA HIS E 76 29.55 18.26 -33.86
C HIS E 76 29.49 18.37 -35.36
N GLY E 77 29.88 19.52 -35.92
CA GLY E 77 29.89 19.68 -37.34
C GLY E 77 28.58 20.07 -37.99
N ARG E 78 27.57 20.33 -37.18
CA ARG E 78 26.27 20.73 -37.73
C ARG E 78 26.30 22.22 -37.97
N TRP E 79 25.44 22.63 -38.87
CA TRP E 79 25.15 24.02 -39.09
C TRP E 79 24.17 24.46 -38.05
N PHE E 80 24.39 25.66 -37.51
CA PHE E 80 23.41 26.31 -36.65
C PHE E 80 23.40 27.78 -37.02
N ALA E 81 22.25 28.27 -37.52
CA ALA E 81 22.14 29.68 -37.97
C ALA E 81 23.26 30.09 -38.93
N GLY E 82 23.56 29.22 -39.90
CA GLY E 82 24.52 29.58 -40.95
C GLY E 82 25.98 29.45 -40.62
N LYS E 83 26.30 28.80 -39.50
CA LYS E 83 27.69 28.70 -39.04
C LYS E 83 27.93 27.27 -38.59
N MET E 84 29.17 26.78 -38.68
CA MET E 84 29.44 25.42 -38.23
C MET E 84 29.76 25.38 -36.73
N ILE E 85 29.11 24.44 -36.04
CA ILE E 85 29.31 24.27 -34.60
C ILE E 85 30.29 23.18 -34.31
N THR E 86 30.99 23.37 -33.23
CA THR E 86 31.92 22.39 -32.68
C THR E 86 31.47 21.93 -31.30
N ALA E 87 31.63 20.65 -31.02
CA ALA E 87 31.27 20.05 -29.76
C ALA E 87 32.46 19.37 -29.25
N ALA E 88 32.85 19.67 -27.99
CA ALA E 88 34.05 19.03 -27.40
C ALA E 88 33.79 18.62 -25.95
N TYR E 89 34.34 17.48 -25.56
CA TYR E 89 34.11 16.95 -24.21
C TYR E 89 34.79 17.84 -23.21
N VAL E 90 34.17 17.97 -22.04
CA VAL E 90 34.79 18.63 -20.88
C VAL E 90 35.00 17.60 -19.74
N PRO E 91 36.24 17.46 -19.21
CA PRO E 91 36.44 16.52 -18.09
C PRO E 91 35.52 16.90 -16.91
N LEU E 92 34.98 15.90 -16.24
CA LEU E 92 34.07 16.11 -15.14
C LEU E 92 34.57 17.07 -14.04
N PRO E 93 35.85 16.96 -13.61
CA PRO E 93 36.31 17.95 -12.63
C PRO E 93 36.44 19.38 -13.14
N THR E 94 36.76 19.56 -14.41
CA THR E 94 36.78 20.88 -14.97
C THR E 94 35.36 21.43 -14.95
N TYR E 95 34.39 20.60 -15.31
CA TYR E 95 32.99 21.05 -15.41
C TYR E 95 32.39 21.41 -14.05
N HIS E 96 32.70 20.58 -13.08
CA HIS E 96 32.26 20.79 -11.70
C HIS E 96 32.92 21.93 -10.96
N ASN E 97 34.15 22.24 -11.30
CA ASN E 97 34.79 23.48 -10.86
C ASN E 97 34.05 24.76 -11.39
N LEU E 98 33.65 24.74 -12.66
CA LEU E 98 32.88 25.88 -13.23
C LEU E 98 31.49 25.95 -12.67
N PHE E 99 30.83 24.78 -12.55
CA PHE E 99 29.41 24.67 -12.23
C PHE E 99 29.16 23.66 -11.10
N PRO E 100 29.52 24.01 -9.84
CA PRO E 100 29.42 23.06 -8.75
C PRO E 100 28.00 22.51 -8.55
N ASP E 101 26.96 23.30 -8.77
CA ASP E 101 25.59 22.75 -8.64
C ASP E 101 25.23 21.66 -9.58
N SER E 102 25.92 21.55 -10.72
CA SER E 102 25.63 20.48 -11.62
C SER E 102 26.05 19.10 -11.08
N MET E 103 26.86 19.07 -10.01
CA MET E 103 27.35 17.82 -9.40
C MET E 103 26.19 16.91 -9.02
N THR E 104 25.13 17.48 -8.48
CA THR E 104 23.97 16.74 -7.98
C THR E 104 22.72 16.86 -8.84
N ALA E 105 22.77 17.65 -9.92
CA ALA E 105 21.66 17.67 -10.87
C ALA E 105 21.32 16.24 -11.32
N THR E 106 20.05 15.94 -11.39
CA THR E 106 19.56 14.64 -11.86
C THR E 106 18.32 14.76 -12.73
N GLN E 107 17.56 15.82 -12.57
CA GLN E 107 16.31 16.00 -13.27
C GLN E 107 16.54 16.47 -14.72
N LEU E 108 15.85 15.83 -15.66
CA LEU E 108 15.96 16.21 -17.05
C LEU E 108 15.33 17.56 -17.27
N LEU E 109 16.01 18.43 -18.02
CA LEU E 109 15.50 19.76 -18.28
C LEU E 109 14.46 19.79 -19.40
N VAL E 110 13.58 20.79 -19.29
CA VAL E 110 12.48 21.02 -20.21
C VAL E 110 12.66 22.43 -20.76
N PRO E 111 12.40 22.61 -22.07
CA PRO E 111 12.52 23.96 -22.62
C PRO E 111 11.50 24.91 -22.00
N SER E 112 11.86 26.18 -21.89
CA SER E 112 10.95 27.22 -21.38
C SER E 112 9.70 27.41 -22.24
N ARG E 113 9.83 27.31 -23.56
CA ARG E 113 8.65 27.49 -24.47
C ARG E 113 7.67 26.29 -24.58
N ARG F 6 10.70 30.09 -36.13
CA ARG F 6 12.08 29.96 -35.50
C ARG F 6 12.76 28.66 -35.93
N LYS F 7 13.66 28.79 -36.90
CA LYS F 7 14.43 27.66 -37.44
C LYS F 7 15.90 28.03 -37.50
N TYR F 8 16.72 27.32 -36.70
CA TYR F 8 18.15 27.52 -36.66
C TYR F 8 19.01 26.26 -36.84
N TRP F 9 18.59 25.09 -36.34
CA TRP F 9 19.35 23.85 -36.64
C TRP F 9 19.33 23.60 -38.16
N ASP F 10 20.50 23.36 -38.74
CA ASP F 10 20.70 22.81 -40.10
C ASP F 10 20.36 23.84 -41.17
N VAL F 11 20.51 25.11 -40.81
CA VAL F 11 20.33 26.24 -41.71
C VAL F 11 21.70 26.59 -42.28
N PRO F 12 21.93 26.28 -43.59
CA PRO F 12 23.23 26.63 -44.17
C PRO F 12 23.37 28.14 -44.24
N PRO F 13 24.58 28.62 -44.53
CA PRO F 13 24.76 30.05 -44.73
C PRO F 13 24.03 30.58 -46.04
N PRO F 14 23.64 31.87 -46.08
CA PRO F 14 22.94 32.37 -47.30
C PRO F 14 23.66 32.07 -48.63
N GLY F 15 24.92 32.53 -48.74
CA GLY F 15 25.73 32.38 -49.95
C GLY F 15 26.19 30.95 -50.23
N GLN G 3 16.08 -14.99 -5.79
CA GLN G 3 14.74 -15.65 -5.66
C GLN G 3 13.92 -15.15 -4.45
N PRO G 4 12.87 -14.33 -4.71
CA PRO G 4 12.06 -13.88 -3.57
C PRO G 4 11.29 -15.01 -2.86
N LEU G 5 11.37 -15.00 -1.53
CA LEU G 5 10.81 -16.06 -0.72
C LEU G 5 9.33 -15.75 -0.52
N ALA G 6 8.49 -16.78 -0.65
CA ALA G 6 7.04 -16.64 -0.54
C ALA G 6 6.61 -16.53 0.94
N THR G 7 5.71 -15.59 1.23
CA THR G 7 5.12 -15.36 2.58
C THR G 7 3.57 -15.27 2.49
N GLN G 8 2.87 -14.96 3.57
CA GLN G 8 1.43 -14.69 3.53
C GLN G 8 1.11 -13.30 3.02
N CYS G 9 2.11 -12.46 2.88
CA CYS G 9 1.89 -11.04 2.58
C CYS G 9 2.46 -10.61 1.25
N PHE G 10 1.73 -9.72 0.59
CA PHE G 10 2.25 -9.09 -0.59
C PHE G 10 1.79 -7.67 -0.77
N GLN G 11 2.48 -7.00 -1.69
CA GLN G 11 2.20 -5.64 -2.07
C GLN G 11 1.84 -5.65 -3.58
N LEU G 12 0.70 -5.03 -3.93
CA LEU G 12 0.39 -4.70 -5.30
C LEU G 12 0.77 -3.22 -5.55
N SER G 13 1.26 -2.93 -6.74
CA SER G 13 1.67 -1.59 -7.18
C SER G 13 1.09 -1.26 -8.53
N ASN G 14 0.94 0.05 -8.78
CA ASN G 14 0.43 0.62 -10.01
C ASN G 14 -1.04 0.47 -10.17
N MET G 15 -1.72 0.40 -9.05
CA MET G 15 -3.17 0.18 -9.02
C MET G 15 -3.98 1.48 -9.23
N PHE G 16 -3.33 2.63 -9.14
CA PHE G 16 -4.02 3.92 -9.15
C PHE G 16 -2.95 4.98 -8.95
N ASN G 17 -3.30 6.22 -9.20
CA ASN G 17 -2.42 7.37 -8.93
C ASN G 17 -3.23 8.32 -8.02
N PRO G 18 -2.83 8.46 -6.74
CA PRO G 18 -3.62 9.27 -5.80
C PRO G 18 -3.91 10.71 -6.24
N GLN G 19 -3.00 11.32 -6.99
CA GLN G 19 -3.18 12.71 -7.47
C GLN G 19 -4.40 12.82 -8.40
N THR G 20 -4.58 11.82 -9.27
CA THR G 20 -5.69 11.79 -10.23
C THR G 20 -6.95 11.06 -9.73
N GLU G 21 -7.06 10.78 -8.43
CA GLU G 21 -8.26 10.15 -7.85
C GLU G 21 -9.08 11.22 -7.12
N GLU G 22 -10.22 11.59 -7.71
CA GLU G 22 -11.06 12.68 -7.20
C GLU G 22 -12.32 12.17 -6.48
N GLU G 23 -12.95 11.14 -7.04
CA GLU G 23 -14.24 10.60 -6.51
C GLU G 23 -14.11 10.16 -5.05
N VAL G 24 -15.08 10.52 -4.21
CA VAL G 24 -15.03 10.23 -2.76
C VAL G 24 -15.16 8.71 -2.53
N GLY G 25 -14.39 8.18 -1.59
CA GLY G 25 -14.34 6.74 -1.31
C GLY G 25 -13.74 5.85 -2.41
N TRP G 26 -12.87 6.43 -3.26
CA TRP G 26 -12.16 5.69 -4.33
C TRP G 26 -11.29 4.54 -3.77
N ASP G 27 -10.69 4.77 -2.59
CA ASP G 27 -9.83 3.79 -1.96
C ASP G 27 -10.60 2.56 -1.43
N THR G 28 -11.82 2.78 -0.99
CA THR G 28 -12.72 1.71 -0.61
C THR G 28 -13.12 0.83 -1.81
N GLU G 29 -13.33 1.44 -2.96
CA GLU G 29 -13.61 0.69 -4.16
C GLU G 29 -12.41 -0.17 -4.61
N ILE G 30 -11.20 0.40 -4.53
CA ILE G 30 -9.99 -0.36 -4.84
C ILE G 30 -9.88 -1.56 -3.89
N LYS G 31 -10.15 -1.32 -2.60
CA LYS G 31 -10.09 -2.39 -1.63
C LYS G 31 -11.06 -3.54 -1.96
N ASP G 32 -12.29 -3.18 -2.33
CA ASP G 32 -13.26 -4.16 -2.79
C ASP G 32 -12.82 -4.89 -4.07
N ASP G 33 -12.19 -4.19 -5.01
CA ASP G 33 -11.69 -4.80 -6.26
C ASP G 33 -10.67 -5.86 -5.93
N VAL G 34 -9.85 -5.62 -4.91
CA VAL G 34 -8.81 -6.57 -4.55
C VAL G 34 -9.37 -7.76 -3.77
N ILE G 35 -10.28 -7.49 -2.83
CA ILE G 35 -10.91 -8.55 -2.06
C ILE G 35 -11.68 -9.48 -3.02
N GLU G 36 -12.53 -8.94 -3.89
CA GLU G 36 -13.28 -9.77 -4.87
C GLU G 36 -12.40 -10.64 -5.73
N GLU G 37 -11.32 -10.07 -6.26
CA GLU G 37 -10.39 -10.85 -7.05
C GLU G 37 -9.66 -11.93 -6.19
N CYS G 38 -9.24 -11.59 -4.98
CA CYS G 38 -8.52 -12.58 -4.16
C CYS G 38 -9.44 -13.70 -3.62
N ASN G 39 -10.75 -13.54 -3.66
CA ASN G 39 -11.67 -14.64 -3.33
C ASN G 39 -11.60 -15.82 -4.28
N LYS G 40 -11.10 -15.58 -5.49
CA LYS G 40 -10.77 -16.63 -6.39
C LYS G 40 -9.53 -17.45 -6.01
N HIS G 41 -8.75 -17.03 -5.01
CA HIS G 41 -7.47 -17.62 -4.71
C HIS G 41 -7.23 -17.91 -3.21
N GLY G 42 -8.24 -17.94 -2.36
CA GLY G 42 -8.00 -18.18 -0.91
C GLY G 42 -8.44 -17.06 0.01
N GLY G 43 -8.76 -15.89 -0.51
CA GLY G 43 -9.19 -14.80 0.31
C GLY G 43 -8.08 -13.99 0.96
N VAL G 44 -8.50 -13.11 1.84
CA VAL G 44 -7.70 -12.05 2.43
C VAL G 44 -8.10 -11.85 3.90
N ILE G 45 -7.13 -11.58 4.76
CA ILE G 45 -7.39 -11.25 6.17
C ILE G 45 -6.98 -9.83 6.57
N HIS G 46 -6.26 -9.14 5.69
CA HIS G 46 -5.89 -7.76 5.93
C HIS G 46 -5.58 -7.10 4.59
N ILE G 47 -6.04 -5.88 4.45
CA ILE G 47 -5.70 -5.07 3.31
C ILE G 47 -5.57 -3.59 3.68
N TYR G 48 -4.61 -2.91 3.07
CA TYR G 48 -4.46 -1.49 3.25
C TYR G 48 -4.13 -0.80 1.90
N VAL G 49 -4.97 0.16 1.51
CA VAL G 49 -4.77 0.97 0.30
C VAL G 49 -3.99 2.22 0.67
N ASP G 50 -2.76 2.35 0.17
CA ASP G 50 -1.91 3.46 0.52
C ASP G 50 -2.38 4.65 -0.30
N LYS G 51 -2.99 5.61 0.38
CA LYS G 51 -3.55 6.78 -0.28
C LYS G 51 -2.52 7.89 -0.54
N TYR G 52 -1.27 7.71 -0.14
CA TYR G 52 -0.25 8.77 -0.28
C TYR G 52 0.81 8.49 -1.31
N SER G 53 1.23 7.24 -1.48
CA SER G 53 2.35 6.99 -2.38
C SER G 53 1.88 7.12 -3.82
N ALA G 54 2.72 7.78 -4.59
CA ALA G 54 2.55 7.98 -6.02
C ALA G 54 2.51 6.62 -6.79
N GLN G 55 3.15 5.57 -6.25
CA GLN G 55 3.22 4.27 -6.87
C GLN G 55 1.90 3.50 -6.93
N GLY G 56 0.88 3.87 -6.13
CA GLY G 56 -0.37 3.15 -6.17
C GLY G 56 -0.24 1.76 -5.58
N ASN G 57 0.14 1.75 -4.32
CA ASN G 57 0.32 0.56 -3.54
C ASN G 57 -0.86 0.09 -2.70
N VAL G 58 -1.04 -1.23 -2.71
CA VAL G 58 -2.00 -1.94 -1.91
C VAL G 58 -1.25 -3.08 -1.23
N TYR G 59 -1.35 -3.11 0.11
CA TYR G 59 -0.83 -4.16 0.94
C TYR G 59 -1.86 -5.18 1.31
N VAL G 60 -1.48 -6.45 1.26
CA VAL G 60 -2.42 -7.55 1.38
C VAL G 60 -1.79 -8.68 2.20
N LYS G 61 -2.57 -9.22 3.17
CA LYS G 61 -2.21 -10.43 3.89
C LYS G 61 -3.26 -11.46 3.66
N CYS G 62 -2.84 -12.64 3.25
CA CYS G 62 -3.73 -13.80 3.01
C CYS G 62 -3.73 -14.68 4.21
N PRO G 63 -4.73 -15.56 4.35
CA PRO G 63 -4.75 -16.48 5.52
C PRO G 63 -3.66 -17.53 5.54
N SER G 64 -2.99 -17.76 4.42
CA SER G 64 -1.91 -18.79 4.35
C SER G 64 -0.91 -18.44 3.26
N ILE G 65 0.26 -19.06 3.35
CA ILE G 65 1.29 -18.92 2.32
C ILE G 65 0.75 -19.38 1.00
N ALA G 66 0.05 -20.52 0.96
CA ALA G 66 -0.49 -21.07 -0.29
C ALA G 66 -1.42 -20.08 -0.98
N ALA G 67 -2.27 -19.43 -0.17
CA ALA G 67 -3.23 -18.46 -0.72
C ALA G 67 -2.52 -17.20 -1.25
N ALA G 68 -1.47 -16.75 -0.58
CA ALA G 68 -0.63 -15.67 -1.10
C ALA G 68 0.11 -16.01 -2.42
N ILE G 69 0.62 -17.24 -2.56
CA ILE G 69 1.26 -17.66 -3.78
C ILE G 69 0.29 -17.71 -4.92
N ALA G 70 -0.90 -18.27 -4.68
CA ALA G 70 -1.90 -18.34 -5.74
C ALA G 70 -2.30 -16.91 -6.18
N ALA G 71 -2.42 -16.01 -5.24
CA ALA G 71 -2.81 -14.60 -5.53
C ALA G 71 -1.71 -13.85 -6.24
N VAL G 72 -0.49 -13.97 -5.78
CA VAL G 72 0.63 -13.27 -6.44
C VAL G 72 0.84 -13.76 -7.88
N ASN G 73 0.88 -15.07 -8.07
CA ASN G 73 0.96 -15.63 -9.41
C ASN G 73 -0.19 -15.24 -10.32
N ALA G 74 -1.41 -15.09 -9.81
CA ALA G 74 -2.51 -14.69 -10.69
C ALA G 74 -2.59 -13.18 -10.92
N LEU G 75 -2.08 -12.35 -9.99
CA LEU G 75 -2.26 -10.88 -10.09
C LEU G 75 -1.09 -10.18 -10.79
N HIS G 76 0.10 -10.71 -10.67
CA HIS G 76 1.30 -10.09 -11.17
C HIS G 76 1.25 -10.02 -12.68
N GLY G 77 1.49 -8.85 -13.24
CA GLY G 77 1.44 -8.70 -14.69
C GLY G 77 0.06 -8.46 -15.32
N ARG G 78 -0.99 -8.35 -14.50
CA ARG G 78 -2.33 -8.13 -15.03
C ARG G 78 -2.50 -6.66 -15.33
N TRP G 79 -3.45 -6.39 -16.20
CA TRP G 79 -3.90 -5.05 -16.46
C TRP G 79 -4.96 -4.69 -15.45
N PHE G 80 -4.89 -3.48 -14.93
CA PHE G 80 -5.90 -2.93 -14.07
C PHE G 80 -6.05 -1.49 -14.53
N ALA G 81 -7.26 -1.15 -14.98
CA ALA G 81 -7.57 0.21 -15.43
C ALA G 81 -6.54 0.75 -16.43
N GLY G 82 -6.14 -0.07 -17.38
CA GLY G 82 -5.22 0.35 -18.42
C GLY G 82 -3.75 0.46 -18.05
N LYS G 83 -3.36 -0.09 -16.91
CA LYS G 83 -1.94 -0.05 -16.44
C LYS G 83 -1.51 -1.41 -15.98
N MET G 84 -0.22 -1.75 -16.06
CA MET G 84 0.20 -3.07 -15.64
C MET G 84 0.52 -3.06 -14.14
N ILE G 85 0.03 -4.06 -13.44
CA ILE G 85 0.24 -4.18 -11.99
C ILE G 85 1.33 -5.17 -11.66
N THR G 86 2.03 -4.86 -10.61
CA THR G 86 3.07 -5.69 -10.07
C THR G 86 2.64 -6.21 -8.72
N ALA G 87 2.93 -7.46 -8.45
CA ALA G 87 2.68 -8.06 -7.14
C ALA G 87 3.97 -8.62 -6.60
N ALA G 88 4.33 -8.30 -5.36
CA ALA G 88 5.60 -8.79 -4.78
C ALA G 88 5.37 -9.19 -3.35
N TYR G 89 6.05 -10.25 -2.93
CA TYR G 89 6.00 -10.70 -1.53
C TYR G 89 6.62 -9.72 -0.58
N VAL G 90 6.02 -9.60 0.62
CA VAL G 90 6.58 -8.80 1.69
C VAL G 90 6.96 -9.74 2.84
N PRO G 91 8.23 -9.68 3.32
CA PRO G 91 8.57 -10.48 4.47
C PRO G 91 7.63 -10.20 5.66
N LEU G 92 7.25 -11.25 6.35
CA LEU G 92 6.35 -11.15 7.47
C LEU G 92 6.74 -10.10 8.55
N PRO G 93 8.04 -10.00 8.95
CA PRO G 93 8.37 -8.95 9.92
C PRO G 93 8.28 -7.52 9.36
N THR G 94 8.54 -7.34 8.09
CA THR G 94 8.39 -6.05 7.50
C THR G 94 6.90 -5.67 7.50
N TYR G 95 6.03 -6.63 7.16
CA TYR G 95 4.59 -6.38 7.10
C TYR G 95 4.00 -6.08 8.48
N HIS G 96 4.43 -6.83 9.47
CA HIS G 96 3.99 -6.65 10.83
C HIS G 96 4.49 -5.40 11.52
N ASN G 97 5.65 -4.92 11.13
CA ASN G 97 6.11 -3.63 11.56
C ASN G 97 5.20 -2.48 11.05
N LEU G 98 4.82 -2.57 9.78
CA LEU G 98 3.88 -1.60 9.22
C LEU G 98 2.52 -1.70 9.84
N PHE G 99 2.04 -2.93 10.01
CA PHE G 99 0.63 -3.23 10.35
C PHE G 99 0.56 -4.23 11.48
N PRO G 100 0.91 -3.80 12.72
CA PRO G 100 0.94 -4.71 13.86
C PRO G 100 -0.39 -5.45 14.10
N ASP G 101 -1.53 -4.80 13.91
CA ASP G 101 -2.83 -5.45 14.09
C ASP G 101 -3.08 -6.63 13.15
N SER G 102 -2.37 -6.69 12.01
CA SER G 102 -2.53 -7.82 11.13
C SER G 102 -1.92 -9.12 11.67
N MET G 103 -1.11 -9.02 12.73
CA MET G 103 -0.47 -10.20 13.36
CA MET G 103 -0.46 -10.19 13.36
C MET G 103 -1.48 -11.24 13.80
N THR G 104 -2.59 -10.79 14.36
CA THR G 104 -3.65 -11.65 14.88
C THR G 104 -4.94 -11.67 14.06
N ALA G 105 -5.03 -10.90 12.98
CA ALA G 105 -6.13 -11.07 12.04
C ALA G 105 -6.29 -12.55 11.64
N THR G 106 -7.52 -13.01 11.61
CA THR G 106 -7.86 -14.36 11.15
C THR G 106 -9.11 -14.40 10.30
N GLN G 107 -9.98 -13.43 10.44
CA GLN G 107 -11.27 -13.46 9.78
C GLN G 107 -11.12 -13.02 8.32
N LEU G 108 -11.74 -13.77 7.41
CA LEU G 108 -11.72 -13.38 6.01
C LEU G 108 -12.50 -12.10 5.84
N LEU G 109 -11.98 -11.20 5.02
CA LEU G 109 -12.67 -9.99 4.67
C LEU G 109 -13.70 -10.09 3.57
N VAL G 110 -14.68 -9.19 3.67
CA VAL G 110 -15.83 -9.13 2.78
C VAL G 110 -15.85 -7.72 2.19
N PRO G 111 -16.13 -7.59 0.88
CA PRO G 111 -16.22 -6.26 0.30
C PRO G 111 -17.33 -5.43 0.93
N SER G 112 -17.13 -4.12 0.99
CA SER G 112 -18.18 -3.19 1.44
C SER G 112 -19.39 -3.07 0.51
N ARG G 113 -19.14 -2.94 -0.79
CA ARG G 113 -20.22 -2.86 -1.77
C ARG G 113 -20.77 -4.25 -2.05
N ARG G 114 -21.99 -4.32 -2.61
CA ARG G 114 -22.51 -5.59 -3.20
C ARG G 114 -22.71 -5.51 -4.71
N VAL H 5 -21.73 -0.18 -15.14
CA VAL H 5 -21.03 -1.19 -14.27
C VAL H 5 -19.53 -0.87 -14.14
N ARG H 6 -18.94 -1.20 -13.00
CA ARG H 6 -17.52 -0.92 -12.73
C ARG H 6 -16.65 -2.03 -13.36
N LYS H 7 -15.68 -1.65 -14.17
CA LYS H 7 -14.78 -2.62 -14.80
C LYS H 7 -13.37 -2.05 -14.83
N TYR H 8 -12.48 -2.62 -14.00
CA TYR H 8 -11.05 -2.26 -14.02
C TYR H 8 -10.12 -3.43 -14.18
N TRP H 9 -10.43 -4.58 -13.60
CA TRP H 9 -9.63 -5.78 -13.85
C TRP H 9 -9.62 -6.13 -15.35
N ASP H 10 -8.43 -6.46 -15.87
CA ASP H 10 -8.20 -6.93 -17.25
C ASP H 10 -8.58 -5.96 -18.37
N VAL H 11 -8.59 -4.66 -18.07
CA VAL H 11 -8.90 -3.61 -19.00
C VAL H 11 -7.57 -3.12 -19.54
N PRO H 12 -7.31 -3.31 -20.84
CA PRO H 12 -6.04 -2.88 -21.45
C PRO H 12 -6.01 -1.41 -21.69
N PRO H 13 -4.84 -0.88 -22.05
CA PRO H 13 -4.78 0.52 -22.40
C PRO H 13 -5.62 0.81 -23.64
N PRO H 14 -6.09 2.05 -23.79
CA PRO H 14 -6.79 2.45 -25.03
C PRO H 14 -6.00 2.20 -26.33
N GLY H 15 -6.67 1.58 -27.30
CA GLY H 15 -6.21 1.52 -28.70
C GLY H 15 -7.08 2.40 -29.58
N PRO I 4 -16.64 -40.30 13.23
CA PRO I 4 -16.72 -39.84 11.82
C PRO I 4 -15.41 -39.25 11.26
N LEU I 5 -15.14 -39.58 10.00
CA LEU I 5 -13.94 -39.13 9.32
C LEU I 5 -14.20 -37.72 8.80
N ALA I 6 -13.20 -36.85 8.95
CA ALA I 6 -13.28 -35.45 8.50
C ALA I 6 -13.12 -35.33 6.97
N THR I 7 -13.98 -34.51 6.36
CA THR I 7 -13.99 -34.19 4.90
C THR I 7 -14.07 -32.66 4.66
N GLN I 8 -14.13 -32.18 3.42
CA GLN I 8 -14.34 -30.76 3.15
C GLN I 8 -15.80 -30.33 3.33
N CYS I 9 -16.69 -31.28 3.52
CA CYS I 9 -18.12 -31.03 3.51
C CYS I 9 -18.83 -31.37 4.80
N PHE I 10 -19.86 -30.57 5.13
CA PHE I 10 -20.64 -30.85 6.29
C PHE I 10 -22.09 -30.38 6.12
N GLN I 11 -22.91 -30.85 7.03
CA GLN I 11 -24.31 -30.52 7.13
C GLN I 11 -24.61 -29.92 8.52
N LEU I 12 -25.27 -28.78 8.55
CA LEU I 12 -25.79 -28.18 9.73
C LEU I 12 -27.26 -28.55 9.76
N SER I 13 -27.75 -28.88 10.95
CA SER I 13 -29.16 -29.15 11.18
C SER I 13 -29.72 -28.32 12.38
N ASN I 14 -31.05 -28.19 12.38
CA ASN I 14 -31.83 -27.45 13.36
C ASN I 14 -31.68 -25.93 13.26
N MET I 15 -31.41 -25.46 12.05
CA MET I 15 -31.16 -24.07 11.76
C MET I 15 -32.43 -23.23 11.58
N PHE I 16 -33.55 -23.88 11.39
CA PHE I 16 -34.81 -23.23 11.08
C PHE I 16 -35.84 -24.33 10.90
N ASN I 17 -37.11 -23.94 10.85
CA ASN I 17 -38.21 -24.87 10.52
C ASN I 17 -38.95 -24.26 9.34
N PRO I 18 -38.83 -24.87 8.13
CA PRO I 18 -39.46 -24.26 6.94
C PRO I 18 -40.95 -23.90 7.08
N GLN I 19 -41.72 -24.68 7.84
CA GLN I 19 -43.17 -24.41 8.02
C GLN I 19 -43.41 -23.06 8.69
N THR I 20 -42.59 -22.71 9.67
CA THR I 20 -42.70 -21.44 10.40
C THR I 20 -41.85 -20.28 9.83
N GLU I 21 -41.32 -20.41 8.61
CA GLU I 21 -40.57 -19.33 7.95
C GLU I 21 -41.47 -18.65 6.89
N GLU I 22 -41.91 -17.44 7.18
CA GLU I 22 -42.87 -16.70 6.34
C GLU I 22 -42.22 -15.58 5.53
N GLU I 23 -41.28 -14.86 6.15
CA GLU I 23 -40.59 -13.71 5.52
C GLU I 23 -39.92 -14.08 4.19
N VAL I 24 -40.11 -13.25 3.15
CA VAL I 24 -39.57 -13.56 1.82
C VAL I 24 -38.04 -13.45 1.83
N GLY I 25 -37.39 -14.40 1.16
CA GLY I 25 -35.91 -14.50 1.14
C GLY I 25 -35.24 -14.89 2.46
N TRP I 26 -35.97 -15.59 3.33
CA TRP I 26 -35.45 -16.08 4.62
C TRP I 26 -34.25 -17.04 4.44
N ASP I 27 -34.28 -17.84 3.40
CA ASP I 27 -33.24 -18.81 3.13
C ASP I 27 -31.95 -18.14 2.70
N THR I 28 -32.06 -17.01 2.01
CA THR I 28 -30.89 -16.19 1.63
C THR I 28 -30.23 -15.59 2.89
N GLU I 29 -31.04 -15.20 3.88
CA GLU I 29 -30.49 -14.66 5.12
C GLU I 29 -29.79 -15.75 5.94
N ILE I 30 -30.32 -16.97 5.93
CA ILE I 30 -29.65 -18.09 6.58
C ILE I 30 -28.31 -18.34 5.91
N LYS I 31 -28.30 -18.33 4.58
CA LYS I 31 -27.07 -18.56 3.84
C LYS I 31 -26.00 -17.55 4.23
N ASP I 32 -26.40 -16.29 4.30
CA ASP I 32 -25.49 -15.21 4.71
C ASP I 32 -25.03 -15.38 6.14
N ASP I 33 -25.93 -15.86 7.04
CA ASP I 33 -25.54 -16.12 8.43
C ASP I 33 -24.43 -17.16 8.46
N VAL I 34 -24.53 -18.19 7.60
CA VAL I 34 -23.55 -19.29 7.62
C VAL I 34 -22.21 -18.86 7.02
N ILE I 35 -22.30 -18.11 5.93
CA ILE I 35 -21.11 -17.61 5.26
C ILE I 35 -20.37 -16.72 6.22
N GLU I 36 -21.05 -15.74 6.79
CA GLU I 36 -20.39 -14.77 7.70
C GLU I 36 -19.68 -15.50 8.83
N GLU I 37 -20.36 -16.47 9.44
CA GLU I 37 -19.75 -17.24 10.53
C GLU I 37 -18.57 -18.12 10.05
N CYS I 38 -18.68 -18.75 8.89
CA CYS I 38 -17.59 -19.54 8.38
C CYS I 38 -16.36 -18.73 7.89
N ASN I 39 -16.50 -17.42 7.67
CA ASN I 39 -15.35 -16.55 7.37
C ASN I 39 -14.37 -16.38 8.51
N LYS I 40 -14.82 -16.68 9.73
CA LYS I 40 -13.92 -16.83 10.86
C LYS I 40 -13.06 -18.09 10.83
N HIS I 41 -13.31 -19.02 9.92
CA HIS I 41 -12.68 -20.37 9.98
C HIS I 41 -12.19 -20.92 8.63
N GLY I 42 -11.97 -20.09 7.63
CA GLY I 42 -11.51 -20.62 6.36
C GLY I 42 -12.46 -20.41 5.18
N GLY I 43 -13.68 -20.00 5.45
CA GLY I 43 -14.61 -19.67 4.37
C GLY I 43 -15.34 -20.86 3.80
N VAL I 44 -16.04 -20.59 2.71
CA VAL I 44 -16.96 -21.53 2.08
CA VAL I 44 -16.94 -21.56 2.07
C VAL I 44 -16.85 -21.44 0.55
N ILE I 45 -16.97 -22.56 -0.14
CA ILE I 45 -17.04 -22.57 -1.61
C ILE I 45 -18.38 -23.06 -2.17
N HIS I 46 -19.23 -23.64 -1.33
CA HIS I 46 -20.56 -24.05 -1.77
C HIS I 46 -21.48 -24.14 -0.53
N ILE I 47 -22.71 -23.71 -0.72
CA ILE I 47 -23.70 -23.79 0.32
C ILE I 47 -25.08 -24.00 -0.27
N TYR I 48 -25.86 -24.86 0.35
CA TYR I 48 -27.25 -25.02 -0.03
C TYR I 48 -28.13 -25.09 1.22
N VAL I 49 -29.10 -24.20 1.29
CA VAL I 49 -30.11 -24.19 2.33
C VAL I 49 -31.27 -25.06 1.86
N ASP I 50 -31.52 -26.17 2.55
CA ASP I 50 -32.62 -27.04 2.22
C ASP I 50 -33.94 -26.41 2.72
N LYS I 51 -34.75 -25.93 1.77
CA LYS I 51 -36.03 -25.28 2.10
C LYS I 51 -37.17 -26.25 2.37
N TYR I 52 -36.95 -27.55 2.21
CA TYR I 52 -38.04 -28.53 2.27
C TYR I 52 -38.00 -29.43 3.50
N SER I 53 -36.82 -29.83 3.96
CA SER I 53 -36.75 -30.74 5.09
C SER I 53 -37.14 -30.01 6.40
N ALA I 54 -37.93 -30.71 7.18
CA ALA I 54 -38.35 -30.27 8.48
C ALA I 54 -37.18 -30.07 9.44
N GLN I 55 -36.07 -30.77 9.22
CA GLN I 55 -34.92 -30.75 10.12
C GLN I 55 -34.13 -29.44 10.10
N GLY I 56 -34.31 -28.61 9.08
CA GLY I 56 -33.59 -27.34 9.01
C GLY I 56 -32.12 -27.53 8.68
N ASN I 57 -31.87 -28.11 7.51
CA ASN I 57 -30.56 -28.48 7.05
C ASN I 57 -29.93 -27.47 6.13
N VAL I 58 -28.65 -27.25 6.36
CA VAL I 58 -27.78 -26.46 5.52
C VAL I 58 -26.56 -27.26 5.18
N TYR I 59 -26.28 -27.39 3.87
CA TYR I 59 -25.12 -28.11 3.37
C TYR I 59 -24.02 -27.15 3.04
N VAL I 60 -22.80 -27.51 3.42
CA VAL I 60 -21.64 -26.59 3.27
C VAL I 60 -20.43 -27.39 2.75
N LYS I 61 -19.71 -26.80 1.81
CA LYS I 61 -18.38 -27.26 1.39
C LYS I 61 -17.39 -26.13 1.62
N CYS I 62 -16.32 -26.46 2.33
CA CYS I 62 -15.20 -25.58 2.58
C CYS I 62 -14.06 -25.83 1.63
N PRO I 63 -13.14 -24.86 1.52
CA PRO I 63 -12.05 -25.04 0.51
C PRO I 63 -11.06 -26.13 0.81
N SER I 64 -11.03 -26.59 2.04
CA SER I 64 -10.09 -27.59 2.49
C SER I 64 -10.67 -28.38 3.68
N ILE I 65 -10.07 -29.52 3.93
CA ILE I 65 -10.40 -30.36 5.05
C ILE I 65 -10.13 -29.62 6.35
N ALA I 66 -8.99 -28.94 6.45
CA ALA I 66 -8.70 -28.10 7.65
C ALA I 66 -9.76 -27.07 7.94
N ALA I 67 -10.25 -26.39 6.88
CA ALA I 67 -11.25 -25.34 7.08
C ALA I 67 -12.58 -25.97 7.55
N ALA I 68 -12.91 -27.14 7.04
CA ALA I 68 -14.12 -27.84 7.45
C ALA I 68 -14.04 -28.28 8.92
N ILE I 69 -12.87 -28.76 9.34
CA ILE I 69 -12.69 -29.16 10.74
C ILE I 69 -12.84 -27.99 11.68
N ALA I 70 -12.22 -26.87 11.31
CA ALA I 70 -12.31 -25.69 12.16
C ALA I 70 -13.80 -25.22 12.23
N ALA I 71 -14.50 -25.25 11.11
CA ALA I 71 -15.92 -24.86 11.10
C ALA I 71 -16.82 -25.82 11.87
N VAL I 72 -16.71 -27.10 11.62
CA VAL I 72 -17.51 -28.08 12.34
C VAL I 72 -17.28 -27.96 13.87
N ASN I 73 -16.04 -27.95 14.30
CA ASN I 73 -15.74 -27.79 15.72
C ASN I 73 -16.26 -26.49 16.32
N ALA I 74 -16.29 -25.40 15.58
CA ALA I 74 -16.80 -24.14 16.14
C ALA I 74 -18.34 -23.99 16.04
N LEU I 75 -18.99 -24.70 15.12
CA LEU I 75 -20.44 -24.57 14.92
C LEU I 75 -21.26 -25.56 15.68
N HIS I 76 -20.72 -26.73 15.88
CA HIS I 76 -21.47 -27.83 16.49
C HIS I 76 -21.80 -27.44 17.93
N GLY I 77 -23.07 -27.59 18.34
CA GLY I 77 -23.48 -27.34 19.70
C GLY I 77 -23.79 -25.87 20.02
N ARG I 78 -23.74 -25.02 19.01
CA ARG I 78 -24.05 -23.62 19.21
C ARG I 78 -25.58 -23.46 19.24
N TRP I 79 -26.00 -22.41 19.92
CA TRP I 79 -27.31 -21.90 19.76
C TRP I 79 -27.43 -21.08 18.47
N PHE I 80 -28.53 -21.27 17.76
CA PHE I 80 -28.92 -20.41 16.66
C PHE I 80 -30.41 -20.18 16.78
N ALA I 81 -30.80 -18.92 16.95
CA ALA I 81 -32.22 -18.56 17.09
C ALA I 81 -32.95 -19.41 18.12
N GLY I 82 -32.30 -19.63 19.26
CA GLY I 82 -32.97 -20.30 20.39
C GLY I 82 -33.04 -21.82 20.30
N LYS I 83 -32.30 -22.42 19.35
CA LYS I 83 -32.26 -23.86 19.21
C LYS I 83 -30.85 -24.34 19.10
N MET I 84 -30.53 -25.57 19.50
CA MET I 84 -29.18 -26.06 19.39
C MET I 84 -28.94 -26.68 18.01
N ILE I 85 -27.83 -26.32 17.40
CA ILE I 85 -27.49 -26.81 16.06
C ILE I 85 -26.45 -27.90 16.13
N THR I 86 -26.57 -28.80 15.18
CA THR I 86 -25.67 -29.91 15.01
C THR I 86 -24.92 -29.77 13.69
N ALA I 87 -23.64 -30.12 13.69
CA ALA I 87 -22.81 -30.06 12.51
C ALA I 87 -22.21 -31.45 12.34
N ALA I 88 -22.34 -32.04 11.16
CA ALA I 88 -21.82 -33.39 10.91
C ALA I 88 -21.18 -33.47 9.55
N TYR I 89 -20.07 -34.19 9.45
CA TYR I 89 -19.35 -34.34 8.18
C TYR I 89 -20.18 -35.11 7.21
N VAL I 90 -20.06 -34.77 5.94
CA VAL I 90 -20.66 -35.52 4.85
C VAL I 90 -19.54 -36.08 3.97
N PRO I 91 -19.54 -37.42 3.72
CA PRO I 91 -18.51 -37.95 2.79
C PRO I 91 -18.55 -37.24 1.45
N LEU I 92 -17.38 -36.96 0.91
CA LEU I 92 -17.26 -36.31 -0.36
C LEU I 92 -18.12 -36.91 -1.50
N PRO I 93 -18.17 -38.24 -1.66
CA PRO I 93 -19.00 -38.77 -2.77
C PRO I 93 -20.51 -38.62 -2.53
N THR I 94 -20.93 -38.62 -1.27
CA THR I 94 -22.31 -38.36 -0.95
C THR I 94 -22.63 -36.93 -1.27
N TYR I 95 -21.71 -36.01 -0.96
CA TYR I 95 -21.95 -34.59 -1.21
C TYR I 95 -21.99 -34.26 -2.68
N HIS I 96 -21.08 -34.83 -3.43
CA HIS I 96 -21.01 -34.64 -4.86
C HIS I 96 -22.15 -35.25 -5.66
N ASN I 97 -22.69 -36.35 -5.16
CA ASN I 97 -23.91 -36.94 -5.74
C ASN I 97 -25.10 -35.99 -5.60
N LEU I 98 -25.21 -35.35 -4.43
CA LEU I 98 -26.26 -34.37 -4.23
C LEU I 98 -26.04 -33.14 -5.06
N PHE I 99 -24.80 -32.63 -5.04
CA PHE I 99 -24.46 -31.33 -5.59
C PHE I 99 -23.25 -31.45 -6.54
N PRO I 100 -23.46 -32.02 -7.74
CA PRO I 100 -22.36 -32.20 -8.69
C PRO I 100 -21.59 -30.92 -9.06
N ASP I 101 -22.26 -29.79 -9.17
CA ASP I 101 -21.55 -28.51 -9.45
C ASP I 101 -20.56 -28.05 -8.36
N SER I 102 -20.69 -28.55 -7.14
CA SER I 102 -19.70 -28.26 -6.09
C SER I 102 -18.33 -28.95 -6.30
N MET I 103 -18.26 -29.94 -7.20
CA MET I 103 -17.03 -30.67 -7.47
CA MET I 103 -17.02 -30.67 -7.47
C MET I 103 -15.91 -29.73 -7.89
N THR I 104 -16.24 -28.74 -8.71
CA THR I 104 -15.26 -27.81 -9.27
C THR I 104 -15.33 -26.39 -8.71
N ALA I 105 -16.27 -26.12 -7.80
CA ALA I 105 -16.25 -24.86 -7.05
C ALA I 105 -14.88 -24.62 -6.39
N THR I 106 -14.40 -23.39 -6.50
CA THR I 106 -13.11 -22.99 -5.94
C THR I 106 -13.14 -21.57 -5.37
N GLN I 107 -14.03 -20.74 -5.85
CA GLN I 107 -14.15 -19.37 -5.40
C GLN I 107 -14.86 -19.25 -4.04
N LEU I 108 -14.29 -18.47 -3.13
CA LEU I 108 -14.88 -18.23 -1.86
C LEU I 108 -16.15 -17.43 -1.99
N LEU I 109 -17.21 -17.83 -1.28
CA LEU I 109 -18.48 -17.11 -1.36
C LEU I 109 -18.56 -15.90 -0.48
N VAL I 110 -19.37 -14.96 -0.91
CA VAL I 110 -19.56 -13.68 -0.27
C VAL I 110 -21.07 -13.59 0.06
N PRO I 111 -21.41 -13.09 1.25
CA PRO I 111 -22.83 -12.87 1.54
C PRO I 111 -23.52 -11.88 0.61
N SER I 112 -24.81 -12.06 0.40
CA SER I 112 -25.62 -11.13 -0.43
C SER I 112 -25.85 -9.80 0.22
N ARG I 113 -26.21 -9.83 1.51
CA ARG I 113 -26.44 -8.59 2.25
C ARG I 113 -25.12 -7.97 2.68
N ARG I 114 -25.22 -6.71 3.12
CA ARG I 114 -24.14 -5.90 3.71
C ARG I 114 -23.29 -5.24 2.61
N VAL J 5 -31.14 -4.60 13.91
CA VAL J 5 -30.01 -5.45 13.40
C VAL J 5 -30.23 -6.93 13.76
N ARG J 6 -29.65 -7.78 12.94
CA ARG J 6 -29.96 -9.20 12.94
C ARG J 6 -29.07 -9.96 13.93
N LYS J 7 -29.67 -10.73 14.83
CA LYS J 7 -28.90 -11.54 15.80
C LYS J 7 -29.57 -12.89 15.97
N TYR J 8 -28.94 -13.92 15.43
CA TYR J 8 -29.39 -15.31 15.61
C TYR J 8 -28.34 -16.23 16.21
N TRP J 9 -27.08 -16.06 15.85
CA TRP J 9 -26.02 -16.84 16.50
C TRP J 9 -26.01 -16.59 18.02
N ASP J 10 -25.91 -17.66 18.79
CA ASP J 10 -25.71 -17.61 20.27
C ASP J 10 -26.84 -16.98 21.06
N VAL J 11 -28.03 -16.99 20.48
CA VAL J 11 -29.25 -16.53 21.12
C VAL J 11 -29.95 -17.71 21.75
N PRO J 12 -30.05 -17.74 23.09
CA PRO J 12 -30.66 -18.86 23.77
C PRO J 12 -32.17 -18.80 23.63
N PRO J 13 -32.84 -19.87 24.02
CA PRO J 13 -34.31 -19.79 24.05
C PRO J 13 -34.80 -18.70 25.02
N PRO J 14 -35.99 -18.13 24.77
CA PRO J 14 -36.60 -17.19 25.72
C PRO J 14 -36.69 -17.72 27.18
N GLY J 15 -36.16 -16.92 28.13
CA GLY J 15 -36.20 -17.22 29.58
C GLY J 15 -37.07 -16.25 30.38
N GLY K 1 7.27 -23.73 9.56
CA GLY K 1 8.68 -24.18 9.66
C GLY K 1 9.39 -24.15 8.30
N VAL K 2 9.13 -25.16 7.47
CA VAL K 2 9.84 -25.27 6.18
C VAL K 2 9.37 -24.17 5.22
N GLN K 3 10.32 -23.38 4.72
CA GLN K 3 10.05 -22.30 3.75
C GLN K 3 9.30 -22.86 2.55
N PRO K 4 8.04 -22.41 2.34
CA PRO K 4 7.31 -22.91 1.16
C PRO K 4 7.83 -22.40 -0.17
N LEU K 5 7.79 -23.28 -1.15
CA LEU K 5 7.98 -22.99 -2.57
C LEU K 5 6.71 -23.18 -3.40
N ALA K 6 6.56 -22.37 -4.46
CA ALA K 6 5.46 -22.55 -5.42
C ALA K 6 5.64 -23.87 -6.17
N THR K 7 5.34 -24.91 -5.40
CA THR K 7 5.48 -26.24 -5.87
C THR K 7 4.51 -27.20 -5.28
N GLN K 8 4.09 -28.08 -6.12
CA GLN K 8 3.24 -29.21 -5.83
C GLN K 8 3.98 -30.47 -5.34
N CYS K 9 5.31 -30.43 -5.31
CA CYS K 9 6.12 -31.61 -5.06
C CYS K 9 6.98 -31.51 -3.82
N PHE K 10 7.17 -32.67 -3.18
CA PHE K 10 8.07 -32.76 -2.08
C PHE K 10 8.70 -34.16 -1.93
N GLN K 11 9.70 -34.22 -1.07
CA GLN K 11 10.46 -35.40 -0.78
C GLN K 11 10.41 -35.59 0.73
N LEU K 12 10.06 -36.80 1.14
CA LEU K 12 10.15 -37.23 2.52
C LEU K 12 11.44 -38.02 2.63
N SER K 13 12.11 -37.89 3.76
CA SER K 13 13.34 -38.55 4.06
C SER K 13 13.33 -39.17 5.49
N ASN K 14 14.14 -40.23 5.66
CA ASN K 14 14.23 -41.04 6.92
C ASN K 14 13.03 -41.93 7.19
N MET K 15 12.36 -42.33 6.13
CA MET K 15 11.13 -43.15 6.21
C MET K 15 11.39 -44.68 6.35
N PHE K 16 12.62 -45.11 6.12
CA PHE K 16 13.01 -46.51 6.19
C PHE K 16 14.49 -46.57 5.88
N ASN K 17 15.08 -47.74 6.07
CA ASN K 17 16.46 -48.01 5.64
C ASN K 17 16.39 -49.25 4.75
N PRO K 18 16.64 -49.09 3.43
CA PRO K 18 16.50 -50.25 2.50
C PRO K 18 17.32 -51.51 2.87
N GLN K 19 18.48 -51.35 3.48
CA GLN K 19 19.32 -52.49 3.89
C GLN K 19 18.58 -53.38 4.93
N THR K 20 17.87 -52.75 5.88
CA THR K 20 17.14 -53.47 6.93
C THR K 20 15.67 -53.79 6.59
N GLU K 21 15.26 -53.66 5.33
CA GLU K 21 13.89 -54.00 4.91
C GLU K 21 13.94 -55.36 4.19
N GLU K 22 13.43 -56.40 4.87
CA GLU K 22 13.46 -57.79 4.35
C GLU K 22 12.10 -58.23 3.77
N GLU K 23 11.00 -57.87 4.45
CA GLU K 23 9.64 -58.31 4.08
C GLU K 23 9.26 -57.93 2.62
N VAL K 24 8.69 -58.87 1.87
CA VAL K 24 8.37 -58.63 0.44
C VAL K 24 7.23 -57.61 0.32
N GLY K 25 7.36 -56.70 -0.65
CA GLY K 25 6.40 -55.60 -0.84
C GLY K 25 6.38 -54.52 0.24
N TRP K 26 7.49 -54.36 0.97
CA TRP K 26 7.63 -53.32 2.01
C TRP K 26 7.45 -51.91 1.46
N ASP K 27 7.91 -51.69 0.24
CA ASP K 27 7.85 -50.39 -0.41
C ASP K 27 6.41 -50.01 -0.77
N THR K 28 5.60 -51.00 -1.13
CA THR K 28 4.18 -50.82 -1.38
C THR K 28 3.44 -50.40 -0.09
N GLU K 29 3.84 -50.93 1.05
CA GLU K 29 3.24 -50.56 2.31
C GLU K 29 3.62 -49.13 2.73
N ILE K 30 4.87 -48.73 2.49
CA ILE K 30 5.30 -47.35 2.72
C ILE K 30 4.46 -46.39 1.84
N LYS K 31 4.25 -46.76 0.59
CA LYS K 31 3.50 -45.95 -0.34
C LYS K 31 2.07 -45.75 0.17
N ASP K 32 1.45 -46.83 0.62
CA ASP K 32 0.12 -46.77 1.20
C ASP K 32 0.09 -45.94 2.48
N ASP K 33 1.13 -46.03 3.30
CA ASP K 33 1.21 -45.20 4.52
C ASP K 33 1.19 -43.74 4.15
N VAL K 34 1.90 -43.36 3.10
CA VAL K 34 2.01 -41.95 2.71
C VAL K 34 0.73 -41.45 2.08
N ILE K 35 0.13 -42.26 1.23
CA ILE K 35 -1.12 -41.90 0.60
C ILE K 35 -2.19 -41.70 1.66
N GLU K 36 -2.36 -42.68 2.55
CA GLU K 36 -3.38 -42.57 3.61
C GLU K 36 -3.23 -41.29 4.41
N GLU K 37 -1.99 -40.97 4.80
CA GLU K 37 -1.73 -39.76 5.56
C GLU K 37 -1.94 -38.47 4.76
N CYS K 38 -1.54 -38.45 3.48
CA CYS K 38 -1.80 -37.29 2.65
C CYS K 38 -3.29 -37.08 2.26
N ASN K 39 -4.15 -38.09 2.40
CA ASN K 39 -5.62 -37.89 2.21
C ASN K 39 -6.24 -36.94 3.23
N LYS K 40 -5.58 -36.74 4.36
CA LYS K 40 -5.99 -35.74 5.31
C LYS K 40 -5.70 -34.33 4.86
N HIS K 41 -4.97 -34.13 3.76
CA HIS K 41 -4.43 -32.83 3.40
C HIS K 41 -4.60 -32.44 1.93
N GLY K 42 -5.41 -33.14 1.17
CA GLY K 42 -5.53 -32.83 -0.28
C GLY K 42 -5.16 -33.95 -1.25
N GLY K 43 -4.56 -35.02 -0.76
CA GLY K 43 -4.29 -36.19 -1.57
C GLY K 43 -3.00 -36.07 -2.34
N VAL K 44 -2.82 -37.03 -3.25
CA VAL K 44 -1.60 -37.28 -3.99
C VAL K 44 -1.92 -37.71 -5.44
N ILE K 45 -1.14 -37.23 -6.39
CA ILE K 45 -1.27 -37.68 -7.79
C ILE K 45 -0.05 -38.46 -8.31
N HIS K 46 1.03 -38.50 -7.54
CA HIS K 46 2.21 -39.29 -7.89
C HIS K 46 3.02 -39.56 -6.64
N ILE K 47 3.55 -40.78 -6.55
CA ILE K 47 4.43 -41.13 -5.47
C ILE K 47 5.47 -42.14 -5.94
N TYR K 48 6.69 -41.98 -5.46
CA TYR K 48 7.76 -42.92 -5.76
C TYR K 48 8.60 -43.20 -4.51
N VAL K 49 8.61 -44.45 -4.07
CA VAL K 49 9.43 -44.90 -2.95
C VAL K 49 10.81 -45.29 -3.49
N ASP K 50 11.85 -44.54 -3.10
CA ASP K 50 13.19 -44.83 -3.55
C ASP K 50 13.73 -46.05 -2.75
N LYS K 51 13.82 -47.18 -3.43
CA LYS K 51 14.29 -48.44 -2.78
C LYS K 51 15.81 -48.56 -2.66
N TYR K 52 16.57 -47.59 -3.16
CA TYR K 52 18.02 -47.72 -3.24
C TYR K 52 18.78 -46.77 -2.32
N SER K 53 18.30 -45.54 -2.14
CA SER K 53 19.03 -44.60 -1.30
C SER K 53 18.93 -44.98 0.18
N ALA K 54 20.07 -44.90 0.83
CA ALA K 54 20.20 -45.18 2.23
C ALA K 54 19.35 -44.20 3.09
N GLN K 55 19.08 -42.99 2.57
CA GLN K 55 18.35 -41.94 3.29
C GLN K 55 16.86 -42.24 3.51
N GLY K 56 16.28 -43.20 2.78
CA GLY K 56 14.88 -43.54 3.01
C GLY K 56 13.96 -42.48 2.44
N ASN K 57 14.09 -42.23 1.14
CA ASN K 57 13.38 -41.17 0.47
C ASN K 57 12.09 -41.64 -0.16
N VAL K 58 11.07 -40.79 -0.05
CA VAL K 58 9.82 -40.91 -0.77
C VAL K 58 9.51 -39.59 -1.49
N TYR K 59 9.25 -39.66 -2.82
CA TYR K 59 8.88 -38.51 -3.64
C TYR K 59 7.39 -38.46 -3.83
N VAL K 60 6.83 -37.25 -3.70
CA VAL K 60 5.38 -37.04 -3.69
C VAL K 60 5.04 -35.81 -4.52
N LYS K 61 4.01 -35.91 -5.33
CA LYS K 61 3.40 -34.79 -6.04
C LYS K 61 1.93 -34.75 -5.64
N CYS K 62 1.48 -33.56 -5.20
CA CYS K 62 0.09 -33.29 -4.81
C CYS K 62 -0.64 -32.62 -5.94
N PRO K 63 -1.97 -32.61 -5.90
CA PRO K 63 -2.73 -31.99 -7.04
C PRO K 63 -2.63 -30.48 -7.12
N SER K 64 -2.15 -29.84 -6.05
CA SER K 64 -2.02 -28.38 -6.01
C SER K 64 -0.93 -27.96 -5.04
N ILE K 65 -0.49 -26.71 -5.18
CA ILE K 65 0.48 -26.11 -4.27
C ILE K 65 -0.08 -26.07 -2.86
N ALA K 66 -1.36 -25.68 -2.69
CA ALA K 66 -1.99 -25.69 -1.36
C ALA K 66 -1.94 -27.04 -0.66
N ALA K 67 -2.23 -28.11 -1.42
CA ALA K 67 -2.24 -29.47 -0.88
C ALA K 67 -0.79 -29.94 -0.49
N ALA K 68 0.22 -29.58 -1.28
CA ALA K 68 1.60 -29.81 -0.93
C ALA K 68 2.05 -29.06 0.32
N ILE K 69 1.62 -27.81 0.49
CA ILE K 69 2.00 -27.07 1.68
C ILE K 69 1.38 -27.69 2.91
N ALA K 70 0.11 -28.04 2.82
CA ALA K 70 -0.59 -28.59 3.96
C ALA K 70 0.08 -29.94 4.34
N ALA K 71 0.48 -30.72 3.32
CA ALA K 71 1.15 -32.00 3.59
C ALA K 71 2.54 -31.81 4.17
N VAL K 72 3.35 -30.97 3.58
CA VAL K 72 4.69 -30.71 4.13
C VAL K 72 4.63 -30.21 5.58
N ASN K 73 3.80 -29.21 5.84
CA ASN K 73 3.66 -28.69 7.21
C ASN K 73 3.19 -29.73 8.20
N ALA K 74 2.34 -30.65 7.77
CA ALA K 74 1.89 -31.67 8.70
C ALA K 74 2.83 -32.89 8.86
N LEU K 75 3.65 -33.18 7.87
CA LEU K 75 4.50 -34.34 7.86
C LEU K 75 5.90 -34.09 8.40
N HIS K 76 6.40 -32.89 8.16
CA HIS K 76 7.76 -32.57 8.55
C HIS K 76 7.87 -32.67 10.06
N GLY K 77 8.89 -33.35 10.55
CA GLY K 77 9.12 -33.43 11.99
C GLY K 77 8.32 -34.48 12.71
N ARG K 78 7.56 -35.30 11.98
CA ARG K 78 6.80 -36.38 12.60
C ARG K 78 7.70 -37.57 12.82
N TRP K 79 7.32 -38.38 13.79
CA TRP K 79 7.91 -39.65 14.02
C TRP K 79 7.28 -40.61 13.03
N PHE K 80 8.10 -41.47 12.43
CA PHE K 80 7.59 -42.61 11.62
C PHE K 80 8.46 -43.81 11.96
N ALA K 81 7.86 -44.85 12.52
CA ALA K 81 8.61 -46.05 12.98
C ALA K 81 9.82 -45.74 13.85
N GLY K 82 9.66 -44.83 14.81
CA GLY K 82 10.74 -44.50 15.75
C GLY K 82 11.85 -43.59 15.28
N LYS K 83 11.67 -42.94 14.13
CA LYS K 83 12.69 -42.06 13.54
C LYS K 83 12.02 -40.76 13.11
N MET K 84 12.73 -39.63 13.15
CA MET K 84 12.13 -38.38 12.72
C MET K 84 12.23 -38.20 11.22
N ILE K 85 11.13 -37.81 10.62
CA ILE K 85 11.10 -37.60 9.17
C ILE K 85 11.21 -36.13 8.81
N THR K 86 11.85 -35.87 7.66
CA THR K 86 12.00 -34.51 7.08
C THR K 86 11.22 -34.48 5.76
N ALA K 87 10.56 -33.36 5.52
CA ALA K 87 9.81 -33.14 4.32
C ALA K 87 10.37 -31.90 3.69
N ALA K 88 10.74 -31.93 2.39
CA ALA K 88 11.31 -30.77 1.71
C ALA K 88 10.78 -30.58 0.32
N TYR K 89 10.59 -29.34 -0.11
CA TYR K 89 9.96 -29.07 -1.40
C TYR K 89 10.92 -29.39 -2.48
N VAL K 90 10.40 -29.86 -3.61
CA VAL K 90 11.18 -30.11 -4.79
C VAL K 90 10.68 -29.21 -5.90
N PRO K 91 11.57 -28.41 -6.51
CA PRO K 91 11.11 -27.55 -7.63
C PRO K 91 10.49 -28.40 -8.72
N LEU K 92 9.42 -27.93 -9.30
CA LEU K 92 8.72 -28.62 -10.36
C LEU K 92 9.60 -29.15 -11.52
N PRO K 93 10.53 -28.34 -12.02
CA PRO K 93 11.39 -28.90 -13.10
C PRO K 93 12.35 -29.99 -12.64
N THR K 94 12.81 -29.92 -11.39
CA THR K 94 13.65 -30.98 -10.87
C THR K 94 12.82 -32.26 -10.78
N TYR K 95 11.57 -32.14 -10.36
CA TYR K 95 10.72 -33.30 -10.15
C TYR K 95 10.33 -33.95 -11.47
N HIS K 96 10.01 -33.12 -12.45
CA HIS K 96 9.65 -33.56 -13.77
C HIS K 96 10.81 -34.16 -14.58
N ASN K 97 12.02 -33.69 -14.37
CA ASN K 97 13.20 -34.34 -14.90
C ASN K 97 13.39 -35.78 -14.33
N LEU K 98 13.18 -35.98 -13.01
CA LEU K 98 13.21 -37.30 -12.43
C LEU K 98 12.08 -38.19 -12.88
N PHE K 99 10.86 -37.64 -12.90
CA PHE K 99 9.61 -38.38 -13.15
C PHE K 99 8.74 -37.71 -14.22
N PRO K 100 9.11 -37.85 -15.51
CA PRO K 100 8.40 -37.15 -16.58
C PRO K 100 6.92 -37.50 -16.68
N ASP K 101 6.53 -38.73 -16.39
CA ASP K 101 5.08 -39.07 -16.38
C ASP K 101 4.24 -38.37 -15.36
N SER K 102 4.84 -37.84 -14.29
CA SER K 102 4.07 -37.09 -13.32
C SER K 102 3.61 -35.72 -13.85
N MET K 103 4.17 -35.26 -14.97
CA MET K 103 3.77 -33.98 -15.60
C MET K 103 2.29 -33.92 -15.88
N THR K 104 1.72 -35.02 -16.38
CA THR K 104 0.30 -35.07 -16.77
C THR K 104 -0.58 -35.88 -15.82
N ALA K 105 -0.01 -36.48 -14.76
CA ALA K 105 -0.83 -37.09 -13.72
C ALA K 105 -1.90 -36.09 -13.21
N THR K 106 -3.11 -36.57 -13.03
CA THR K 106 -4.21 -35.79 -12.49
C THR K 106 -5.09 -36.56 -11.54
N GLN K 107 -5.13 -37.87 -11.68
CA GLN K 107 -5.98 -38.70 -10.88
C GLN K 107 -5.42 -38.89 -9.47
N LEU K 108 -6.28 -38.74 -8.47
CA LEU K 108 -5.87 -38.99 -7.11
C LEU K 108 -5.58 -40.46 -6.87
N LEU K 109 -4.48 -40.76 -6.18
CA LEU K 109 -4.11 -42.16 -5.91
C LEU K 109 -4.83 -42.74 -4.72
N VAL K 110 -4.99 -44.05 -4.79
CA VAL K 110 -5.69 -44.83 -3.79
C VAL K 110 -4.69 -45.86 -3.27
N PRO K 111 -4.67 -46.11 -1.95
CA PRO K 111 -3.81 -47.19 -1.45
C PRO K 111 -4.15 -48.57 -2.03
N SER K 112 -3.14 -49.42 -2.19
CA SER K 112 -3.35 -50.80 -2.61
C SER K 112 -4.23 -51.63 -1.65
N ARG K 113 -4.26 -51.33 -0.34
CA ARG K 113 -4.87 -52.22 0.68
C ARG K 113 -6.28 -51.91 1.14
N VAL L 5 -2.58 -54.76 14.07
CA VAL L 5 -2.63 -53.65 13.07
C VAL L 5 -1.23 -53.10 12.74
N ARG L 6 -1.09 -52.52 11.56
CA ARG L 6 0.14 -51.82 11.15
C ARG L 6 0.11 -50.42 11.78
N LYS L 7 1.17 -50.06 12.49
CA LYS L 7 1.27 -48.72 13.10
C LYS L 7 2.71 -48.21 13.00
N TYR L 8 2.92 -47.21 12.13
CA TYR L 8 4.22 -46.56 12.01
C TYR L 8 4.16 -45.05 12.19
N TRP L 9 3.10 -44.38 11.71
CA TRP L 9 2.94 -42.95 12.00
C TRP L 9 2.90 -42.72 13.51
N ASP L 10 3.59 -41.68 13.96
CA ASP L 10 3.57 -41.18 15.34
C ASP L 10 4.05 -42.15 16.40
N VAL L 11 4.88 -43.12 16.00
CA VAL L 11 5.48 -44.09 16.91
C VAL L 11 6.84 -43.54 17.31
N PRO L 12 7.02 -43.17 18.60
CA PRO L 12 8.29 -42.67 19.03
C PRO L 12 9.32 -43.76 19.20
N PRO L 13 10.59 -43.37 19.42
CA PRO L 13 11.59 -44.38 19.74
C PRO L 13 11.26 -45.08 21.08
N PRO L 14 11.72 -46.33 21.26
CA PRO L 14 11.57 -47.00 22.58
C PRO L 14 12.13 -46.18 23.77
N GLY L 15 11.29 -46.00 24.80
CA GLY L 15 11.68 -45.37 26.07
C GLY L 15 11.69 -46.40 27.20
N PRO M 4 -17.08 -1.17 19.47
CA PRO M 4 -16.55 -0.36 20.58
C PRO M 4 -17.32 0.95 20.82
N LEU M 5 -17.58 1.23 22.08
CA LEU M 5 -18.38 2.39 22.48
C LEU M 5 -17.41 3.58 22.51
N ALA M 6 -17.88 4.71 22.00
CA ALA M 6 -17.12 5.96 21.97
C ALA M 6 -17.07 6.63 23.36
N THR M 7 -15.87 7.10 23.74
CA THR M 7 -15.61 7.85 25.01
C THR M 7 -14.80 9.14 24.73
N GLN M 8 -14.37 9.91 25.75
CA GLN M 8 -13.51 11.06 25.54
C GLN M 8 -12.07 10.66 25.36
N CYS M 9 -11.76 9.38 25.58
CA CYS M 9 -10.39 8.92 25.64
C CYS M 9 -10.05 7.90 24.59
N PHE M 10 -8.81 7.98 24.10
CA PHE M 10 -8.31 6.98 23.21
C PHE M 10 -6.81 6.75 23.34
N GLN M 11 -6.39 5.66 22.73
CA GLN M 11 -5.01 5.25 22.67
C GLN M 11 -4.61 5.18 21.19
N LEU M 12 -3.47 5.77 20.85
CA LEU M 12 -2.80 5.57 19.57
C LEU M 12 -1.70 4.56 19.77
N SER M 13 -1.52 3.68 18.79
CA SER M 13 -0.45 2.69 18.80
CA SER M 13 -0.43 2.67 18.81
C SER M 13 0.35 2.72 17.50
N ASN M 14 1.57 2.24 17.59
CA ASN M 14 2.52 2.13 16.48
C ASN M 14 3.09 3.45 16.07
N MET M 15 3.20 4.34 17.06
CA MET M 15 3.68 5.72 16.80
C MET M 15 5.21 5.84 16.82
N PHE M 16 5.90 4.80 17.30
CA PHE M 16 7.35 4.85 17.52
C PHE M 16 7.74 3.53 18.17
N ASN M 17 9.02 3.25 18.20
CA ASN M 17 9.54 2.06 18.89
C ASN M 17 10.59 2.60 19.88
N PRO M 18 10.31 2.52 21.19
CA PRO M 18 11.23 3.12 22.19
C PRO M 18 12.69 2.65 22.11
N GLN M 19 12.92 1.40 21.69
CA GLN M 19 14.28 0.87 21.57
C GLN M 19 15.10 1.64 20.52
N THR M 20 14.47 2.00 19.40
CA THR M 20 15.12 2.72 18.31
C THR M 20 15.00 4.26 18.39
N GLU M 21 14.59 4.80 19.54
CA GLU M 21 14.51 6.26 19.74
C GLU M 21 15.70 6.70 20.60
N GLU M 22 16.64 7.39 19.96
CA GLU M 22 17.88 7.81 20.61
C GLU M 22 17.90 9.31 20.97
N GLU M 23 17.40 10.14 20.05
CA GLU M 23 17.43 11.60 20.19
C GLU M 23 16.78 12.08 21.50
N VAL M 24 17.41 13.00 22.22
CA VAL M 24 16.90 13.46 23.53
C VAL M 24 15.62 14.30 23.34
N GLY M 25 14.64 14.07 24.22
CA GLY M 25 13.31 14.70 24.12
C GLY M 25 12.44 14.25 22.93
N TRP M 26 12.68 13.05 22.41
CA TRP M 26 11.86 12.47 21.31
C TRP M 26 10.35 12.30 21.68
N ASP M 27 10.08 12.00 22.94
CA ASP M 27 8.73 11.83 23.44
C ASP M 27 7.94 13.13 23.48
N THR M 28 8.62 14.23 23.78
CA THR M 28 8.06 15.54 23.74
C THR M 28 7.69 15.95 22.32
N GLU M 29 8.51 15.57 21.34
CA GLU M 29 8.16 15.84 19.94
C GLU M 29 6.95 15.04 19.45
N ILE M 30 6.87 13.79 19.87
CA ILE M 30 5.67 12.98 19.59
C ILE M 30 4.41 13.66 20.19
N LYS M 31 4.51 14.11 21.43
CA LYS M 31 3.39 14.72 22.11
C LYS M 31 2.91 15.95 21.32
N ASP M 32 3.86 16.78 20.88
CA ASP M 32 3.56 17.91 20.07
C ASP M 32 2.94 17.51 18.72
N ASP M 33 3.41 16.45 18.11
CA ASP M 33 2.82 15.95 16.83
C ASP M 33 1.37 15.59 17.02
N VAL M 34 1.03 15.00 18.20
CA VAL M 34 -0.32 14.59 18.46
C VAL M 34 -1.24 15.76 18.80
N ILE M 35 -0.73 16.68 19.61
CA ILE M 35 -1.49 17.84 19.97
C ILE M 35 -1.81 18.63 18.69
N GLU M 36 -0.78 18.93 17.89
CA GLU M 36 -0.96 19.75 16.66
C GLU M 36 -2.02 19.13 15.77
N GLU M 37 -1.94 17.80 15.58
CA GLU M 37 -2.93 17.12 14.76
C GLU M 37 -4.35 17.11 15.38
N CYS M 38 -4.47 16.90 16.69
CA CYS M 38 -5.76 16.94 17.32
C CYS M 38 -6.39 18.34 17.43
N ASN M 39 -5.62 19.41 17.23
CA ASN M 39 -6.21 20.75 17.11
C ASN M 39 -7.10 20.96 15.90
N LYS M 40 -6.96 20.09 14.90
CA LYS M 40 -7.87 20.07 13.78
C LYS M 40 -9.22 19.46 14.13
N HIS M 41 -9.40 18.89 15.32
CA HIS M 41 -10.56 18.07 15.65
C HIS M 41 -11.18 18.32 17.03
N GLY M 42 -10.88 19.43 17.69
CA GLY M 42 -11.44 19.67 19.02
C GLY M 42 -10.40 19.82 20.14
N GLY M 43 -9.15 19.47 19.89
CA GLY M 43 -8.12 19.61 20.88
C GLY M 43 -8.01 18.46 21.86
N VAL M 44 -7.16 18.69 22.86
CA VAL M 44 -6.73 17.68 23.84
CA VAL M 44 -6.77 17.67 23.86
C VAL M 44 -6.64 18.30 25.23
N ILE M 45 -7.01 17.55 26.26
CA ILE M 45 -6.85 18.02 27.65
C ILE M 45 -5.85 17.18 28.45
N HIS M 46 -5.45 16.02 27.92
CA HIS M 46 -4.46 15.18 28.57
C HIS M 46 -3.81 14.27 27.52
N ILE M 47 -2.49 14.14 27.61
CA ILE M 47 -1.75 13.25 26.79
C ILE M 47 -0.56 12.61 27.55
N TYR M 48 -0.32 11.32 27.29
CA TYR M 48 0.79 10.62 27.85
C TYR M 48 1.45 9.73 26.81
N VAL M 49 2.74 10.00 26.51
CA VAL M 49 3.54 9.19 25.62
C VAL M 49 4.17 8.08 26.45
N ASP M 50 3.78 6.83 26.22
CA ASP M 50 4.33 5.70 26.94
C ASP M 50 5.73 5.38 26.42
N LYS M 51 6.73 5.66 27.23
CA LYS M 51 8.14 5.49 26.80
C LYS M 51 8.66 4.08 26.96
N TYR M 52 7.85 3.16 27.46
CA TYR M 52 8.32 1.81 27.79
C TYR M 52 7.73 0.73 26.93
N SER M 53 6.49 0.84 26.50
CA SER M 53 5.88 -0.25 25.74
C SER M 53 6.44 -0.28 24.34
N ALA M 54 6.73 -1.50 23.90
CA ALA M 54 7.25 -1.77 22.57
C ALA M 54 6.23 -1.36 21.47
N GLN M 55 4.96 -1.34 21.80
CA GLN M 55 3.88 -1.02 20.85
C GLN M 55 3.82 0.44 20.40
N GLY M 56 4.46 1.36 21.09
CA GLY M 56 4.46 2.75 20.69
C GLY M 56 3.11 3.42 20.93
N ASN M 57 2.73 3.46 22.21
CA ASN M 57 1.46 3.95 22.66
C ASN M 57 1.46 5.37 23.12
N VAL M 58 0.42 6.11 22.71
CA VAL M 58 0.12 7.41 23.15
C VAL M 58 -1.36 7.46 23.62
N TYR M 59 -1.56 7.88 24.89
CA TYR M 59 -2.84 8.02 25.49
C TYR M 59 -3.29 9.46 25.36
N VAL M 60 -4.56 9.64 25.01
CA VAL M 60 -5.14 10.95 24.75
C VAL M 60 -6.55 11.06 25.36
N LYS M 61 -6.83 12.18 26.02
CA LYS M 61 -8.17 12.56 26.45
C LYS M 61 -8.54 13.88 25.81
N CYS M 62 -9.69 13.88 25.13
CA CYS M 62 -10.28 15.08 24.49
C CYS M 62 -11.29 15.74 25.38
N PRO M 63 -11.69 16.98 25.07
CA PRO M 63 -12.58 17.69 26.01
C PRO M 63 -13.99 17.21 25.97
N SER M 64 -14.34 16.45 24.95
CA SER M 64 -15.67 15.91 24.80
C SER M 64 -15.65 14.60 24.00
N ILE M 65 -16.75 13.85 24.09
CA ILE M 65 -16.93 12.64 23.30
C ILE M 65 -16.91 12.96 21.80
N ALA M 66 -17.59 14.02 21.38
CA ALA M 66 -17.58 14.44 19.96
C ALA M 66 -16.16 14.70 19.43
N ALA M 67 -15.35 15.40 20.22
CA ALA M 67 -13.95 15.69 19.82
C ALA M 67 -13.09 14.39 19.74
N ALA M 68 -13.32 13.45 20.66
CA ALA M 68 -12.69 12.14 20.57
C ALA M 68 -13.08 11.32 19.33
N ILE M 69 -14.36 11.34 18.98
CA ILE M 69 -14.82 10.63 17.78
C ILE M 69 -14.22 11.24 16.50
N ALA M 70 -14.19 12.57 16.43
CA ALA M 70 -13.61 13.18 15.28
C ALA M 70 -12.09 12.83 15.20
N ALA M 71 -11.39 12.83 16.32
CA ALA M 71 -9.94 12.51 16.37
C ALA M 71 -9.65 11.05 16.03
N VAL M 72 -10.38 10.14 16.62
CA VAL M 72 -10.22 8.72 16.33
C VAL M 72 -10.47 8.43 14.84
N ASN M 73 -11.59 8.92 14.31
CA ASN M 73 -11.91 8.71 12.88
C ASN M 73 -10.92 9.33 11.92
N ALA M 74 -10.33 10.47 12.25
CA ALA M 74 -9.30 11.02 11.41
C ALA M 74 -7.89 10.41 11.58
N LEU M 75 -7.56 9.82 12.75
CA LEU M 75 -6.21 9.35 13.02
C LEU M 75 -6.00 7.87 12.76
N HIS M 76 -7.05 7.09 12.92
CA HIS M 76 -7.00 5.66 12.73
C HIS M 76 -6.66 5.33 11.27
N GLY M 77 -5.63 4.52 11.04
CA GLY M 77 -5.26 4.13 9.70
C GLY M 77 -4.34 5.08 8.97
N ARG M 78 -3.87 6.13 9.64
CA ARG M 78 -2.94 7.02 9.02
C ARG M 78 -1.53 6.46 9.08
N TRP M 79 -0.72 6.89 8.11
CA TRP M 79 0.73 6.69 8.17
C TRP M 79 1.35 7.71 9.13
N PHE M 80 2.25 7.25 9.98
CA PHE M 80 3.09 8.15 10.80
C PHE M 80 4.49 7.60 10.77
N ALA M 81 5.41 8.35 10.21
CA ALA M 81 6.81 7.91 10.07
C ALA M 81 6.98 6.54 9.44
N GLY M 82 6.21 6.29 8.38
CA GLY M 82 6.36 5.06 7.62
C GLY M 82 5.69 3.81 8.21
N LYS M 83 4.81 4.01 9.18
CA LYS M 83 4.11 2.89 9.83
C LYS M 83 2.64 3.23 9.98
N MET M 84 1.74 2.24 9.98
CA MET M 84 0.33 2.52 10.10
C MET M 84 -0.09 2.57 11.56
N ILE M 85 -0.80 3.62 11.92
CA ILE M 85 -1.20 3.81 13.32
C ILE M 85 -2.63 3.42 13.54
N THR M 86 -2.88 2.96 14.72
CA THR M 86 -4.18 2.50 15.15
C THR M 86 -4.66 3.42 16.27
N ALA M 87 -5.94 3.76 16.25
CA ALA M 87 -6.56 4.56 17.32
C ALA M 87 -7.70 3.76 17.86
N ALA M 88 -7.76 3.60 19.17
CA ALA M 88 -8.87 2.81 19.80
C ALA M 88 -9.35 3.54 21.07
N TYR M 89 -10.64 3.49 21.32
CA TYR M 89 -11.26 4.12 22.49
C TYR M 89 -10.84 3.41 23.72
N VAL M 90 -10.66 4.17 24.78
CA VAL M 90 -10.40 3.62 26.13
C VAL M 90 -11.58 3.97 27.02
N PRO M 91 -12.18 2.98 27.70
CA PRO M 91 -13.26 3.30 28.64
C PRO M 91 -12.78 4.30 29.71
N LEU M 92 -13.62 5.26 30.01
CA LEU M 92 -13.30 6.29 30.96
C LEU M 92 -12.74 5.73 32.32
N PRO M 93 -13.31 4.65 32.90
CA PRO M 93 -12.73 4.17 34.18
C PRO M 93 -11.38 3.48 34.05
N THR M 94 -11.11 2.85 32.90
CA THR M 94 -9.79 2.36 32.61
C THR M 94 -8.79 3.52 32.49
N TYR M 95 -9.18 4.59 31.83
CA TYR M 95 -8.29 5.72 31.60
C TYR M 95 -7.98 6.47 32.91
N HIS M 96 -9.00 6.66 33.72
CA HIS M 96 -8.88 7.32 35.00
C HIS M 96 -8.10 6.55 36.06
N ASN M 97 -8.17 5.24 36.02
CA ASN M 97 -7.32 4.40 36.86
C ASN M 97 -5.84 4.61 36.51
N LEU M 98 -5.54 4.67 35.21
CA LEU M 98 -4.16 4.92 34.78
C LEU M 98 -3.70 6.33 35.10
N PHE M 99 -4.54 7.31 34.85
CA PHE M 99 -4.21 8.72 34.91
C PHE M 99 -5.26 9.49 35.73
N PRO M 100 -5.29 9.30 37.06
CA PRO M 100 -6.27 9.98 37.90
C PRO M 100 -6.35 11.50 37.74
N ASP M 101 -5.24 12.18 37.55
CA ASP M 101 -5.24 13.63 37.40
C ASP M 101 -5.97 14.10 36.13
N SER M 102 -6.17 13.23 35.15
CA SER M 102 -6.93 13.61 33.95
C SER M 102 -8.45 13.74 34.24
N MET M 103 -8.92 13.25 35.38
N MET M 103 -8.91 13.26 35.38
CA MET M 103 -10.33 13.31 35.76
CA MET M 103 -10.33 13.35 35.73
C MET M 103 -10.83 14.75 35.74
C MET M 103 -10.83 14.77 35.71
N THR M 104 -10.01 15.68 36.22
CA THR M 104 -10.40 17.10 36.35
C THR M 104 -9.70 18.04 35.39
N ALA M 105 -8.81 17.51 34.55
CA ALA M 105 -8.28 18.32 33.44
C ALA M 105 -9.43 18.97 32.66
N THR M 106 -9.25 20.23 32.32
CA THR M 106 -10.19 20.99 31.51
C THR M 106 -9.49 21.90 30.52
N GLN M 107 -8.25 22.30 30.77
CA GLN M 107 -7.55 23.25 29.94
C GLN M 107 -7.00 22.57 28.68
N LEU M 108 -7.21 23.18 27.51
CA LEU M 108 -6.67 22.67 26.28
C LEU M 108 -5.15 22.78 26.27
N LEU M 109 -4.47 21.71 25.84
CA LEU M 109 -3.02 21.71 25.81
C LEU M 109 -2.45 22.39 24.58
N VAL M 110 -1.25 22.88 24.76
CA VAL M 110 -0.50 23.62 23.73
C VAL M 110 0.81 22.85 23.53
N PRO M 111 1.24 22.70 22.26
CA PRO M 111 2.57 22.14 22.04
C PRO M 111 3.71 22.94 22.67
N SER M 112 4.75 22.23 23.06
CA SER M 112 5.98 22.86 23.60
C SER M 112 6.74 23.66 22.56
N ARG M 113 6.94 23.06 21.38
CA ARG M 113 7.70 23.71 20.31
C ARG M 113 6.80 24.67 19.57
N ARG M 114 7.42 25.52 18.75
CA ARG M 114 6.70 26.58 17.95
C ARG M 114 6.78 26.52 16.41
N VAL N 5 13.12 20.47 8.25
CA VAL N 5 11.71 20.60 8.74
C VAL N 5 11.16 19.22 9.14
N ARG N 6 10.35 19.16 10.22
CA ARG N 6 9.85 17.88 10.78
C ARG N 6 8.58 17.43 10.03
N LYS N 7 8.60 16.20 9.52
CA LYS N 7 7.44 15.66 8.81
C LYS N 7 7.30 14.17 9.12
N TYR N 8 6.27 13.82 9.88
CA TYR N 8 5.97 12.43 10.20
C TYR N 8 4.54 12.01 9.85
N TRP N 9 3.57 12.90 9.99
CA TRP N 9 2.21 12.63 9.54
C TRP N 9 2.19 12.36 8.02
N ASP N 10 1.47 11.32 7.61
CA ASP N 10 1.23 10.98 6.19
C ASP N 10 2.47 10.65 5.36
N VAL N 11 3.54 10.20 6.03
CA VAL N 11 4.77 9.78 5.39
C VAL N 11 4.69 8.24 5.21
N PRO N 12 4.66 7.76 3.95
CA PRO N 12 4.63 6.32 3.70
C PRO N 12 5.99 5.67 3.94
N PRO N 13 6.03 4.34 3.98
CA PRO N 13 7.32 3.68 4.06
C PRO N 13 8.19 3.99 2.82
N PRO N 14 9.52 3.92 2.99
CA PRO N 14 10.46 4.09 1.84
C PRO N 14 10.17 3.13 0.66
N GLY N 15 10.04 3.71 -0.54
CA GLY N 15 9.88 2.96 -1.79
C GLY N 15 11.10 3.09 -2.68
N PRO O 4 -28.85 39.95 25.00
CA PRO O 4 -28.04 39.53 23.83
C PRO O 4 -27.99 38.00 23.65
N LEU O 5 -28.14 37.58 22.40
CA LEU O 5 -28.18 36.16 22.06
C LEU O 5 -26.74 35.67 21.93
N ALA O 6 -26.47 34.49 22.47
CA ALA O 6 -25.14 33.87 22.43
C ALA O 6 -24.86 33.28 21.05
N THR O 7 -23.62 33.50 20.57
CA THR O 7 -23.11 32.95 19.29
C THR O 7 -21.70 32.33 19.47
N GLN O 8 -21.02 31.89 18.41
CA GLN O 8 -19.63 31.41 18.52
C GLN O 8 -18.62 32.58 18.60
N CYS O 9 -19.07 33.80 18.33
CA CYS O 9 -18.20 34.95 18.15
C CYS O 9 -18.41 36.00 19.18
N PHE O 10 -17.32 36.66 19.54
CA PHE O 10 -17.39 37.80 20.43
C PHE O 10 -16.26 38.82 20.18
N GLN O 11 -16.46 39.97 20.76
CA GLN O 11 -15.55 41.09 20.69
C GLN O 11 -15.14 41.46 22.13
N LEU O 12 -13.85 41.60 22.35
CA LEU O 12 -13.30 42.16 23.54
C LEU O 12 -12.94 43.61 23.22
N SER O 13 -13.15 44.47 24.19
CA SER O 13 -12.81 45.88 24.12
CA SER O 13 -12.79 45.90 24.11
C SER O 13 -12.04 46.35 25.35
N ASN O 14 -11.28 47.45 25.16
CA ASN O 14 -10.46 48.09 26.16
C ASN O 14 -9.19 47.32 26.50
N MET O 15 -8.70 46.56 25.52
CA MET O 15 -7.55 45.69 25.69
C MET O 15 -6.22 46.41 25.52
N PHE O 16 -6.25 47.60 24.96
CA PHE O 16 -5.04 48.36 24.66
C PHE O 16 -5.49 49.67 24.04
N ASN O 17 -4.55 50.61 23.91
CA ASN O 17 -4.81 51.85 23.14
C ASN O 17 -3.72 51.91 22.04
N PRO O 18 -4.11 51.79 20.75
CA PRO O 18 -3.09 51.74 19.68
C PRO O 18 -2.12 52.94 19.66
N GLN O 19 -2.56 54.13 20.06
CA GLN O 19 -1.71 55.33 20.06
C GLN O 19 -0.52 55.17 21.02
N THR O 20 -0.76 54.56 22.17
CA THR O 20 0.27 54.34 23.19
C THR O 20 0.99 52.99 23.09
N GLU O 21 0.84 52.26 21.98
CA GLU O 21 1.56 50.98 21.77
C GLU O 21 2.73 51.24 20.81
N GLU O 22 3.95 51.22 21.36
CA GLU O 22 5.19 51.53 20.60
C GLU O 22 5.97 50.25 20.23
N GLU O 23 6.06 49.30 21.15
CA GLU O 23 6.86 48.06 20.97
C GLU O 23 6.46 47.27 19.71
N VAL O 24 7.43 46.81 18.92
CA VAL O 24 7.13 46.11 17.67
C VAL O 24 6.52 44.73 17.96
N GLY O 25 5.50 44.36 17.19
CA GLY O 25 4.76 43.11 17.38
C GLY O 25 3.90 43.04 18.65
N TRP O 26 3.49 44.21 19.17
CA TRP O 26 2.58 44.29 20.31
C TRP O 26 1.25 43.55 20.09
N ASP O 27 0.74 43.62 18.87
CA ASP O 27 -0.56 43.04 18.54
C ASP O 27 -0.50 41.53 18.55
N THR O 28 0.64 40.98 18.15
CA THR O 28 0.90 39.54 18.23
C THR O 28 0.92 39.06 19.69
N GLU O 29 1.44 39.88 20.59
CA GLU O 29 1.46 39.51 22.02
C GLU O 29 0.06 39.55 22.63
N ILE O 30 -0.76 40.52 22.22
CA ILE O 30 -2.17 40.57 22.64
C ILE O 30 -2.89 39.31 22.18
N LYS O 31 -2.67 38.93 20.92
CA LYS O 31 -3.30 37.79 20.37
C LYS O 31 -2.97 36.54 21.16
N ASP O 32 -1.70 36.38 21.48
CA ASP O 32 -1.26 35.28 22.33
C ASP O 32 -1.88 35.33 23.71
N ASP O 33 -2.03 36.53 24.29
CA ASP O 33 -2.66 36.66 25.60
C ASP O 33 -4.05 36.15 25.55
N VAL O 34 -4.77 36.40 24.45
CA VAL O 34 -6.17 36.01 24.35
C VAL O 34 -6.32 34.51 24.07
N ILE O 35 -5.46 34.00 23.21
CA ILE O 35 -5.46 32.56 22.91
C ILE O 35 -5.15 31.76 24.17
N GLU O 36 -4.08 32.12 24.89
CA GLU O 36 -3.73 31.43 26.14
C GLU O 36 -4.88 31.41 27.13
N GLU O 37 -5.51 32.54 27.32
CA GLU O 37 -6.63 32.62 28.27
C GLU O 37 -7.81 31.81 27.79
N CYS O 38 -8.13 31.86 26.50
CA CYS O 38 -9.29 31.11 25.99
C CYS O 38 -9.06 29.60 25.96
N ASN O 39 -7.81 29.13 26.10
CA ASN O 39 -7.56 27.70 26.22
C ASN O 39 -8.08 27.09 27.51
N LYS O 40 -8.31 27.92 28.50
CA LYS O 40 -9.05 27.51 29.68
C LYS O 40 -10.54 27.28 29.46
N HIS O 41 -11.10 27.68 28.33
CA HIS O 41 -12.55 27.69 28.10
C HIS O 41 -13.02 27.05 26.78
N GLY O 42 -12.22 26.26 26.09
CA GLY O 42 -12.66 25.72 24.77
C GLY O 42 -11.83 26.10 23.56
N GLY O 43 -10.96 27.08 23.70
CA GLY O 43 -10.08 27.48 22.62
C GLY O 43 -10.72 28.44 21.62
N VAL O 44 -9.99 28.66 20.54
CA VAL O 44 -10.26 29.71 19.55
C VAL O 44 -9.94 29.20 18.15
N ILE O 45 -10.75 29.55 17.16
CA ILE O 45 -10.45 29.21 15.74
C ILE O 45 -10.12 30.44 14.88
N HIS O 46 -10.35 31.64 15.39
CA HIS O 46 -10.09 32.87 14.63
C HIS O 46 -9.97 34.01 15.60
N ILE O 47 -8.96 34.84 15.39
CA ILE O 47 -8.78 36.02 16.17
C ILE O 47 -8.26 37.16 15.31
N TYR O 48 -8.77 38.36 15.53
CA TYR O 48 -8.22 39.52 14.89
C TYR O 48 -8.07 40.71 15.86
N VAL O 49 -6.84 41.20 15.99
CA VAL O 49 -6.53 42.33 16.85
C VAL O 49 -6.70 43.57 16.02
N ASP O 50 -7.69 44.40 16.33
CA ASP O 50 -7.88 45.65 15.57
C ASP O 50 -6.83 46.69 15.98
N LYS O 51 -5.86 46.91 15.09
CA LYS O 51 -4.73 47.86 15.36
C LYS O 51 -5.08 49.33 15.13
N TYR O 52 -6.32 49.64 14.70
CA TYR O 52 -6.68 51.00 14.34
C TYR O 52 -7.70 51.65 15.27
N SER O 53 -8.66 50.91 15.81
CA SER O 53 -9.67 51.54 16.64
C SER O 53 -9.08 51.93 17.98
N ALA O 54 -9.44 53.12 18.40
CA ALA O 54 -9.08 53.64 19.68
C ALA O 54 -9.61 52.79 20.86
N GLN O 55 -10.71 52.06 20.67
CA GLN O 55 -11.39 51.27 21.72
C GLN O 55 -10.63 49.99 22.15
N GLY O 56 -9.63 49.56 21.40
CA GLY O 56 -8.82 48.41 21.79
C GLY O 56 -9.58 47.09 21.67
N ASN O 57 -10.03 46.84 20.45
CA ASN O 57 -10.90 45.74 20.12
C ASN O 57 -10.16 44.54 19.62
N VAL O 58 -10.62 43.39 20.07
CA VAL O 58 -10.17 42.06 19.63
C VAL O 58 -11.37 41.24 19.31
N TYR O 59 -11.39 40.68 18.08
CA TYR O 59 -12.44 39.83 17.61
C TYR O 59 -12.05 38.38 17.71
N VAL O 60 -12.96 37.55 18.20
CA VAL O 60 -12.69 36.18 18.51
C VAL O 60 -13.84 35.29 18.03
N LYS O 61 -13.49 34.15 17.42
CA LYS O 61 -14.42 33.09 17.10
C LYS O 61 -13.97 31.84 17.76
N CYS O 62 -14.88 31.22 18.52
CA CYS O 62 -14.63 29.92 19.21
C CYS O 62 -15.19 28.77 18.39
N PRO O 63 -14.74 27.55 18.66
CA PRO O 63 -15.23 26.39 17.86
C PRO O 63 -16.67 26.01 18.08
N SER O 64 -17.29 26.49 19.16
CA SER O 64 -18.69 26.24 19.44
C SER O 64 -19.31 27.39 20.23
N ILE O 65 -20.64 27.39 20.24
CA ILE O 65 -21.41 28.35 21.07
C ILE O 65 -21.05 28.16 22.55
N ALA O 66 -21.00 26.91 23.02
CA ALA O 66 -20.65 26.62 24.43
C ALA O 66 -19.29 27.22 24.83
N ALA O 67 -18.32 27.08 23.93
CA ALA O 67 -16.96 27.61 24.20
C ALA O 67 -16.97 29.15 24.23
N ALA O 68 -17.73 29.78 23.34
CA ALA O 68 -17.91 31.23 23.39
C ALA O 68 -18.59 31.73 24.68
N ILE O 69 -19.62 31.02 25.14
CA ILE O 69 -20.33 31.40 26.37
C ILE O 69 -19.40 31.31 27.57
N ALA O 70 -18.62 30.23 27.64
CA ALA O 70 -17.70 30.08 28.76
C ALA O 70 -16.65 31.21 28.71
N ALA O 71 -16.16 31.55 27.52
CA ALA O 71 -15.17 32.62 27.37
C ALA O 71 -15.70 33.98 27.70
N VAL O 72 -16.86 34.31 27.15
CA VAL O 72 -17.43 35.62 27.43
C VAL O 72 -17.75 35.80 28.93
N ASN O 73 -18.36 34.80 29.56
CA ASN O 73 -18.62 34.87 31.00
C ASN O 73 -17.36 34.96 31.84
N ALA O 74 -16.28 34.32 31.43
CA ALA O 74 -15.04 34.44 32.22
C ALA O 74 -14.23 35.72 31.92
N LEU O 75 -14.35 36.29 30.73
CA LEU O 75 -13.49 37.45 30.35
C LEU O 75 -14.11 38.81 30.65
N HIS O 76 -15.42 38.87 30.61
CA HIS O 76 -16.14 40.12 30.76
C HIS O 76 -15.98 40.67 32.16
N GLY O 77 -15.59 41.96 32.30
CA GLY O 77 -15.34 42.53 33.59
C GLY O 77 -13.98 42.27 34.23
N ARG O 78 -13.08 41.59 33.53
CA ARG O 78 -11.75 41.35 34.06
C ARG O 78 -10.88 42.60 33.87
N TRP O 79 -9.87 42.69 34.70
CA TRP O 79 -8.81 43.65 34.53
C TRP O 79 -7.80 43.09 33.53
N PHE O 80 -7.35 43.94 32.61
CA PHE O 80 -6.23 43.60 31.71
C PHE O 80 -5.36 44.83 31.63
N ALA O 81 -4.13 44.73 32.12
CA ALA O 81 -3.18 45.84 32.12
C ALA O 81 -3.74 47.10 32.76
N GLY O 82 -4.43 46.95 33.89
CA GLY O 82 -4.93 48.10 34.64
C GLY O 82 -6.21 48.75 34.12
N LYS O 83 -6.92 48.08 33.23
CA LYS O 83 -8.14 48.63 32.64
C LYS O 83 -9.20 47.56 32.61
N MET O 84 -10.47 47.93 32.70
CA MET O 84 -11.54 46.88 32.70
C MET O 84 -11.95 46.54 31.27
N ILE O 85 -12.02 45.25 30.97
CA ILE O 85 -12.38 44.78 29.63
C ILE O 85 -13.81 44.33 29.58
N THR O 86 -14.37 44.55 28.42
CA THR O 86 -15.74 44.19 28.10
C THR O 86 -15.73 43.12 27.02
N ALA O 87 -16.63 42.13 27.15
CA ALA O 87 -16.75 41.04 26.16
C ALA O 87 -18.19 41.01 25.72
N ALA O 88 -18.45 41.03 24.41
CA ALA O 88 -19.83 41.03 23.93
C ALA O 88 -19.93 40.09 22.75
N TYR O 89 -21.06 39.39 22.65
CA TYR O 89 -21.35 38.54 21.49
C TYR O 89 -21.48 39.33 20.20
N VAL O 90 -21.03 38.73 19.10
CA VAL O 90 -21.23 39.30 17.76
C VAL O 90 -22.07 38.33 16.96
N PRO O 91 -23.20 38.79 16.39
CA PRO O 91 -23.96 37.88 15.51
C PRO O 91 -23.09 37.27 14.40
N LEU O 92 -23.31 35.99 14.12
CA LEU O 92 -22.53 35.27 13.15
C LEU O 92 -22.49 35.94 11.75
N PRO O 93 -23.62 36.43 11.22
CA PRO O 93 -23.51 37.15 9.92
C PRO O 93 -22.74 38.47 9.96
N THR O 94 -22.78 39.17 11.07
CA THR O 94 -21.96 40.36 11.23
C THR O 94 -20.49 39.95 11.22
N TYR O 95 -20.16 38.89 11.91
CA TYR O 95 -18.76 38.47 12.06
C TYR O 95 -18.17 37.97 10.74
N HIS O 96 -18.97 37.19 10.01
CA HIS O 96 -18.61 36.70 8.73
C HIS O 96 -18.51 37.75 7.63
N ASN O 97 -19.30 38.79 7.70
CA ASN O 97 -19.14 39.91 6.82
C ASN O 97 -17.77 40.62 7.01
N LEU O 98 -17.37 40.83 8.29
CA LEU O 98 -16.08 41.40 8.59
C LEU O 98 -14.94 40.48 8.17
N PHE O 99 -15.09 39.20 8.48
CA PHE O 99 -14.04 38.18 8.35
C PHE O 99 -14.54 36.94 7.64
N PRO O 100 -14.71 37.02 6.31
CA PRO O 100 -15.20 35.89 5.53
C PRO O 100 -14.38 34.59 5.66
N ASP O 101 -13.07 34.68 5.78
CA ASP O 101 -12.22 33.49 5.96
C ASP O 101 -12.46 32.71 7.28
N SER O 102 -13.04 33.36 8.29
CA SER O 102 -13.42 32.64 9.51
C SER O 102 -14.61 31.67 9.34
N MET O 103 -15.36 31.78 8.22
CA MET O 103 -16.52 30.92 7.96
CA MET O 103 -16.51 30.92 7.96
C MET O 103 -16.14 29.44 7.99
N THR O 104 -14.98 29.11 7.42
CA THR O 104 -14.50 27.73 7.31
C THR O 104 -13.32 27.38 8.21
N ALA O 105 -12.81 28.32 9.00
CA ALA O 105 -11.87 27.98 10.07
C ALA O 105 -12.41 26.85 10.96
N THR O 106 -11.54 25.93 11.28
CA THR O 106 -11.87 24.78 12.15
C THR O 106 -10.73 24.40 13.06
N GLN O 107 -9.52 24.75 12.71
CA GLN O 107 -8.36 24.36 13.48
C GLN O 107 -8.17 25.28 14.70
N LEU O 108 -7.92 24.70 15.86
CA LEU O 108 -7.67 25.48 17.04
C LEU O 108 -6.34 26.20 16.93
N LEU O 109 -6.31 27.47 17.32
CA LEU O 109 -5.09 28.27 17.23
C LEU O 109 -4.14 28.04 18.39
N VAL O 110 -2.88 28.27 18.11
CA VAL O 110 -1.79 28.13 19.04
C VAL O 110 -1.09 29.46 19.12
N PRO O 111 -0.68 29.87 20.34
CA PRO O 111 0.10 31.11 20.44
C PRO O 111 1.43 31.06 19.70
N SER O 112 1.88 32.20 19.19
CA SER O 112 3.20 32.32 18.55
C SER O 112 4.38 32.18 19.49
N ARG O 113 4.33 32.85 20.63
CA ARG O 113 5.48 32.86 21.54
C ARG O 113 5.73 31.53 22.27
N VAL P 5 8.71 38.31 33.16
CA VAL P 5 7.77 37.73 32.15
C VAL P 5 6.81 38.83 31.63
N ARG P 6 5.65 38.41 31.16
CA ARG P 6 4.59 39.31 30.72
C ARG P 6 3.41 38.98 31.64
N LYS P 7 2.86 39.99 32.28
CA LYS P 7 1.68 39.78 33.13
C LYS P 7 0.78 40.97 32.89
N TYR P 8 -0.36 40.67 32.28
CA TYR P 8 -1.38 41.65 32.01
C TYR P 8 -2.74 41.16 32.47
N TRP P 9 -3.06 39.86 32.36
CA TRP P 9 -4.37 39.37 32.91
C TRP P 9 -4.49 39.59 34.46
N ASP P 10 -5.63 40.18 34.88
CA ASP P 10 -5.98 40.43 36.29
C ASP P 10 -5.02 41.36 37.04
N VAL P 11 -4.50 42.37 36.36
CA VAL P 11 -3.59 43.39 36.91
C VAL P 11 -4.40 44.68 37.05
N PRO P 12 -4.65 45.12 38.30
CA PRO P 12 -5.51 46.28 38.50
C PRO P 12 -4.71 47.53 38.27
N PRO P 13 -5.40 48.69 38.21
CA PRO P 13 -4.78 50.02 38.13
C PRO P 13 -3.71 50.23 39.22
N PRO P 14 -2.62 50.98 38.90
CA PRO P 14 -1.71 51.44 39.98
C PRO P 14 -2.41 52.29 41.04
N VAL Q 2 -31.82 25.12 17.63
CA VAL Q 2 -32.38 25.78 18.86
C VAL Q 2 -31.37 26.78 19.41
N GLN Q 3 -31.80 28.04 19.56
CA GLN Q 3 -30.98 29.12 20.17
C GLN Q 3 -30.48 28.70 21.54
N PRO Q 4 -29.14 28.53 21.68
CA PRO Q 4 -28.61 28.20 23.01
C PRO Q 4 -28.69 29.33 24.07
N LEU Q 5 -28.98 28.90 25.30
CA LEU Q 5 -28.89 29.69 26.51
C LEU Q 5 -27.76 29.22 27.42
N ALA Q 6 -27.15 30.16 28.12
CA ALA Q 6 -26.20 29.83 29.18
C ALA Q 6 -26.93 29.08 30.33
N THR Q 7 -27.19 27.81 30.01
CA THR Q 7 -27.85 26.94 30.90
C THR Q 7 -27.54 25.48 30.73
N GLN Q 8 -27.49 24.84 31.84
CA GLN Q 8 -27.29 23.42 32.02
C GLN Q 8 -28.56 22.57 31.94
N CYS Q 9 -29.72 23.21 31.79
CA CYS Q 9 -30.99 22.53 31.88
C CYS Q 9 -31.82 22.61 30.62
N PHE Q 10 -32.55 21.52 30.37
CA PHE Q 10 -33.50 21.50 29.30
C PHE Q 10 -34.70 20.59 29.58
N GLN Q 11 -35.70 20.77 28.76
CA GLN Q 11 -36.95 20.03 28.79
C GLN Q 11 -37.13 19.32 27.43
N LEU Q 12 -37.39 18.02 27.48
CA LEU Q 12 -37.83 17.26 26.33
C LEU Q 12 -39.35 17.19 26.40
N SER Q 13 -39.98 17.22 25.25
CA SER Q 13 -41.46 17.02 25.11
C SER Q 13 -41.77 16.02 24.01
N ASN Q 14 -43.01 15.49 24.09
CA ASN Q 14 -43.57 14.51 23.18
C ASN Q 14 -42.94 13.14 23.29
N MET Q 15 -42.47 12.84 24.49
CA MET Q 15 -41.76 11.57 24.78
C MET Q 15 -42.70 10.41 25.09
N PHE Q 16 -43.96 10.71 25.35
CA PHE Q 16 -44.96 9.70 25.79
C PHE Q 16 -46.26 10.45 26.01
N ASN Q 17 -47.34 9.69 26.15
CA ASN Q 17 -48.63 10.24 26.54
C ASN Q 17 -49.06 9.49 27.81
N PRO Q 18 -49.10 10.17 28.96
CA PRO Q 18 -49.40 9.46 30.24
C PRO Q 18 -50.72 8.68 30.25
N GLN Q 19 -51.73 9.15 29.52
CA GLN Q 19 -53.03 8.44 29.44
C GLN Q 19 -52.89 7.03 28.83
N THR Q 20 -52.06 6.91 27.80
CA THR Q 20 -51.84 5.64 27.12
C THR Q 20 -50.65 4.81 27.65
N GLU Q 21 -50.12 5.15 28.83
CA GLU Q 21 -49.02 4.38 29.44
C GLU Q 21 -49.61 3.52 30.57
N GLU Q 22 -49.68 2.21 30.33
CA GLU Q 22 -50.31 1.26 31.27
C GLU Q 22 -49.26 0.45 32.07
N GLU Q 23 -48.18 0.01 31.40
CA GLU Q 23 -47.15 -0.84 32.00
C GLU Q 23 -46.53 -0.23 33.26
N VAL Q 24 -46.37 -1.02 34.33
CA VAL Q 24 -45.85 -0.51 35.61
C VAL Q 24 -44.36 -0.15 35.48
N GLY Q 25 -43.98 0.98 36.07
CA GLY Q 25 -42.60 1.51 35.96
C GLY Q 25 -42.19 2.03 34.58
N TRP Q 26 -43.16 2.42 33.76
CA TRP Q 26 -42.90 2.99 32.42
C TRP Q 26 -42.04 4.26 32.49
N ASP Q 27 -42.26 5.07 33.52
CA ASP Q 27 -41.54 6.34 33.71
C ASP Q 27 -40.06 6.12 34.04
N THR Q 28 -39.77 5.06 34.78
CA THR Q 28 -38.40 4.63 35.03
C THR Q 28 -37.67 4.20 33.74
N GLU Q 29 -38.38 3.55 32.83
CA GLU Q 29 -37.80 3.15 31.56
C GLU Q 29 -37.50 4.37 30.66
N ILE Q 30 -38.40 5.35 30.66
CA ILE Q 30 -38.17 6.61 29.95
C ILE Q 30 -36.92 7.32 30.50
N LYS Q 31 -36.82 7.38 31.82
CA LYS Q 31 -35.67 7.97 32.49
C LYS Q 31 -34.35 7.31 32.06
N ASP Q 32 -34.35 5.98 32.04
CA ASP Q 32 -33.18 5.22 31.55
C ASP Q 32 -32.89 5.47 30.07
N ASP Q 33 -33.93 5.59 29.26
CA ASP Q 33 -33.74 5.91 27.84
C ASP Q 33 -33.01 7.23 27.68
N VAL Q 34 -33.38 8.22 28.50
CA VAL Q 34 -32.81 9.55 28.38
C VAL Q 34 -31.38 9.59 28.92
N ILE Q 35 -31.14 8.90 30.03
CA ILE Q 35 -29.82 8.84 30.60
C ILE Q 35 -28.87 8.17 29.61
N GLU Q 36 -29.26 7.01 29.09
CA GLU Q 36 -28.40 6.26 28.13
C GLU Q 36 -28.03 7.12 26.94
N GLU Q 37 -29.03 7.82 26.38
CA GLU Q 37 -28.77 8.67 25.22
C GLU Q 37 -27.90 9.89 25.58
N CYS Q 38 -28.13 10.50 26.74
CA CYS Q 38 -27.29 11.64 27.14
C CYS Q 38 -25.85 11.27 27.54
N ASN Q 39 -25.56 9.99 27.79
CA ASN Q 39 -24.16 9.56 28.01
C ASN Q 39 -23.27 9.72 26.81
N LYS Q 40 -23.87 9.80 25.63
CA LYS Q 40 -23.14 10.12 24.43
C LYS Q 40 -22.72 11.58 24.36
N HIS Q 41 -23.21 12.44 25.26
CA HIS Q 41 -23.05 13.89 25.14
C HIS Q 41 -22.61 14.61 26.43
N GLY Q 42 -22.10 13.91 27.42
CA GLY Q 42 -21.69 14.58 28.68
C GLY Q 42 -22.41 14.12 29.93
N GLY Q 43 -23.48 13.36 29.78
CA GLY Q 43 -24.20 12.82 30.92
C GLY Q 43 -25.22 13.76 31.51
N VAL Q 44 -25.74 13.33 32.66
CA VAL Q 44 -26.86 13.94 33.35
C VAL Q 44 -26.64 13.93 34.86
N ILE Q 45 -27.03 15.00 35.54
CA ILE Q 45 -26.96 15.05 37.04
C ILE Q 45 -28.36 15.11 37.67
N HIS Q 46 -29.40 15.35 36.88
CA HIS Q 46 -30.75 15.34 37.42
C HIS Q 46 -31.73 15.10 36.27
N ILE Q 47 -32.78 14.32 36.56
CA ILE Q 47 -33.81 14.10 35.61
C ILE Q 47 -35.15 13.90 36.32
N TYR Q 48 -36.21 14.42 35.74
CA TYR Q 48 -37.54 14.17 36.22
C TYR Q 48 -38.52 13.92 35.04
N VAL Q 49 -39.15 12.74 35.05
CA VAL Q 49 -40.19 12.40 34.12
C VAL Q 49 -41.51 12.92 34.66
N ASP Q 50 -42.13 13.85 33.95
CA ASP Q 50 -43.43 14.38 34.36
C ASP Q 50 -44.54 13.39 33.98
N LYS Q 51 -45.11 12.75 34.99
CA LYS Q 51 -46.13 11.71 34.76
C LYS Q 51 -47.52 12.25 34.54
N TYR Q 52 -47.72 13.56 34.60
CA TYR Q 52 -49.05 14.15 34.62
C TYR Q 52 -49.36 14.96 33.41
N SER Q 53 -48.39 15.70 32.88
CA SER Q 53 -48.68 16.54 31.72
C SER Q 53 -48.92 15.68 30.48
N ALA Q 54 -49.95 16.08 29.75
CA ALA Q 54 -50.31 15.43 28.50
C ALA Q 54 -49.22 15.58 27.44
N GLN Q 55 -48.38 16.61 27.54
CA GLN Q 55 -47.32 16.89 26.56
C GLN Q 55 -46.17 15.86 26.56
N GLY Q 56 -46.04 15.03 27.59
CA GLY Q 56 -44.94 14.06 27.62
C GLY Q 56 -43.57 14.69 27.87
N ASN Q 57 -43.47 15.41 28.99
CA ASN Q 57 -42.29 16.15 29.35
C ASN Q 57 -41.32 15.39 30.21
N VAL Q 58 -40.03 15.60 29.91
CA VAL Q 58 -38.92 15.14 30.71
C VAL Q 58 -37.94 16.33 30.94
N TYR Q 59 -37.62 16.60 32.22
CA TYR Q 59 -36.71 17.65 32.63
C TYR Q 59 -35.36 17.04 32.87
N VAL Q 60 -34.32 17.72 32.38
CA VAL Q 60 -32.94 17.24 32.44
C VAL Q 60 -31.97 18.40 32.86
N LYS Q 61 -31.03 18.11 33.74
CA LYS Q 61 -29.90 18.99 34.08
C LYS Q 61 -28.63 18.23 33.82
N CYS Q 62 -27.74 18.84 33.03
CA CYS Q 62 -26.43 18.29 32.68
C CYS Q 62 -25.36 18.88 33.58
N PRO Q 63 -24.19 18.25 33.70
CA PRO Q 63 -23.14 18.82 34.55
C PRO Q 63 -22.55 20.13 34.09
N SER Q 64 -22.76 20.52 32.84
CA SER Q 64 -22.21 21.77 32.28
C SER Q 64 -23.06 22.30 31.12
N ILE Q 65 -22.84 23.57 30.80
CA ILE Q 65 -23.53 24.22 29.70
C ILE Q 65 -23.16 23.55 28.39
N ALA Q 66 -21.89 23.21 28.20
CA ALA Q 66 -21.48 22.46 27.00
C ALA Q 66 -22.23 21.14 26.81
N ALA Q 67 -22.35 20.37 27.88
CA ALA Q 67 -23.02 19.08 27.85
C ALA Q 67 -24.54 19.23 27.55
N ALA Q 68 -25.20 20.23 28.13
CA ALA Q 68 -26.55 20.60 27.75
C ALA Q 68 -26.73 21.03 26.28
N ILE Q 69 -25.81 21.82 25.74
CA ILE Q 69 -25.88 22.20 24.32
C ILE Q 69 -25.75 20.98 23.44
N ALA Q 70 -24.78 20.13 23.74
CA ALA Q 70 -24.53 18.99 22.89
C ALA Q 70 -25.79 18.11 22.92
N ALA Q 71 -26.39 17.97 24.09
CA ALA Q 71 -27.58 17.12 24.24
C ALA Q 71 -28.78 17.69 23.53
N VAL Q 72 -29.07 18.96 23.72
CA VAL Q 72 -30.16 19.61 23.05
C VAL Q 72 -30.01 19.51 21.53
N ASN Q 73 -28.85 19.87 20.99
CA ASN Q 73 -28.62 19.76 19.54
C ASN Q 73 -28.75 18.33 18.99
N ALA Q 74 -28.39 17.31 19.77
CA ALA Q 74 -28.53 15.94 19.28
C ALA Q 74 -29.90 15.32 19.52
N LEU Q 75 -30.68 15.83 20.49
CA LEU Q 75 -31.99 15.26 20.79
C LEU Q 75 -33.16 15.93 20.10
N HIS Q 76 -33.03 17.20 19.85
CA HIS Q 76 -34.11 17.98 19.28
C HIS Q 76 -34.40 17.46 17.90
N GLY Q 77 -35.67 17.16 17.59
CA GLY Q 77 -36.04 16.74 16.23
C GLY Q 77 -35.86 15.27 15.98
N ARG Q 78 -35.47 14.51 17.00
CA ARG Q 78 -35.37 13.06 16.85
C ARG Q 78 -36.73 12.39 17.00
N TRP Q 79 -36.85 11.23 16.36
CA TRP Q 79 -37.98 10.36 16.57
C TRP Q 79 -37.77 9.62 17.86
N PHE Q 80 -38.83 9.49 18.66
CA PHE Q 80 -38.85 8.61 19.82
C PHE Q 80 -40.20 7.91 19.81
N ALA Q 81 -40.19 6.59 19.70
CA ALA Q 81 -41.43 5.79 19.64
C ALA Q 81 -42.44 6.34 18.62
N GLY Q 82 -41.97 6.71 17.43
CA GLY Q 82 -42.86 7.10 16.33
C GLY Q 82 -43.38 8.53 16.38
N LYS Q 83 -42.79 9.37 17.21
CA LYS Q 83 -43.25 10.74 17.39
C LYS Q 83 -42.03 11.64 17.36
N MET Q 84 -42.16 12.88 16.91
CA MET Q 84 -41.01 13.81 16.97
C MET Q 84 -40.89 14.52 18.32
N ILE Q 85 -39.68 14.51 18.87
CA ILE Q 85 -39.44 15.14 20.15
C ILE Q 85 -38.82 16.49 20.00
N THR Q 86 -39.16 17.35 20.96
CA THR Q 86 -38.66 18.71 21.04
CA THR Q 86 -38.63 18.71 21.04
C THR Q 86 -37.81 18.88 22.32
N ALA Q 87 -36.71 19.61 22.20
CA ALA Q 87 -35.82 19.86 23.31
C ALA Q 87 -35.73 21.34 23.40
N ALA Q 88 -35.94 21.90 24.60
CA ALA Q 88 -35.80 23.34 24.81
C ALA Q 88 -35.08 23.68 26.09
N TYR Q 89 -34.34 24.77 26.11
CA TYR Q 89 -33.55 25.15 27.29
C TYR Q 89 -34.44 25.73 28.34
N VAL Q 90 -34.10 25.47 29.59
CA VAL Q 90 -34.81 26.00 30.72
C VAL Q 90 -33.85 26.90 31.46
N PRO Q 91 -34.23 28.18 31.72
CA PRO Q 91 -33.33 29.04 32.53
C PRO Q 91 -33.06 28.40 33.91
N LEU Q 92 -31.84 28.54 34.37
CA LEU Q 92 -31.43 27.96 35.66
CA LEU Q 92 -31.41 27.95 35.67
C LEU Q 92 -32.32 28.33 36.85
N PRO Q 93 -32.72 29.60 36.99
CA PRO Q 93 -33.68 29.87 38.11
C PRO Q 93 -35.09 29.26 37.99
N THR Q 94 -35.59 29.12 36.77
CA THR Q 94 -36.85 28.44 36.57
C THR Q 94 -36.67 26.99 36.98
N TYR Q 95 -35.56 26.38 36.62
CA TYR Q 95 -35.35 24.95 36.87
C TYR Q 95 -35.18 24.66 38.35
N HIS Q 96 -34.42 25.50 39.02
CA HIS Q 96 -34.20 25.42 40.46
C HIS Q 96 -35.40 25.72 41.33
N ASN Q 97 -36.30 26.57 40.84
CA ASN Q 97 -37.59 26.76 41.49
C ASN Q 97 -38.47 25.47 41.46
N LEU Q 98 -38.50 24.79 40.32
CA LEU Q 98 -39.18 23.52 40.20
C LEU Q 98 -38.52 22.42 41.01
N PHE Q 99 -37.18 22.35 40.93
CA PHE Q 99 -36.39 21.23 41.49
C PHE Q 99 -35.23 21.74 42.34
N PRO Q 100 -35.50 22.22 43.58
CA PRO Q 100 -34.45 22.83 44.40
C PRO Q 100 -33.30 21.89 44.71
N ASP Q 101 -33.57 20.58 44.91
CA ASP Q 101 -32.51 19.61 45.16
C ASP Q 101 -31.50 19.43 43.98
N SER Q 102 -31.86 19.83 42.76
CA SER Q 102 -30.91 19.81 41.65
C SER Q 102 -29.82 20.88 41.73
N MET Q 103 -30.00 21.88 42.60
CA MET Q 103 -29.02 22.98 42.76
C MET Q 103 -27.64 22.45 43.12
N THR Q 104 -27.57 21.43 43.98
CA THR Q 104 -26.32 20.87 44.46
C THR Q 104 -26.00 19.49 43.91
N ALA Q 105 -26.87 18.90 43.09
CA ALA Q 105 -26.52 17.69 42.38
C ALA Q 105 -25.18 17.85 41.64
N THR Q 106 -24.34 16.84 41.71
CA THR Q 106 -23.05 16.80 41.03
C THR Q 106 -22.72 15.44 40.46
N GLN Q 107 -23.30 14.38 41.02
CA GLN Q 107 -22.98 13.04 40.62
C GLN Q 107 -23.72 12.67 39.32
N LEU Q 108 -23.00 12.05 38.39
CA LEU Q 108 -23.58 11.59 37.16
C LEU Q 108 -24.51 10.44 37.42
N LEU Q 109 -25.68 10.48 36.81
CA LEU Q 109 -26.67 9.42 36.99
C LEU Q 109 -26.40 8.20 36.13
N VAL Q 110 -26.86 7.08 36.62
CA VAL Q 110 -26.71 5.78 36.01
C VAL Q 110 -28.11 5.23 35.81
N PRO Q 111 -28.36 4.57 34.67
CA PRO Q 111 -29.66 3.93 34.49
C PRO Q 111 -29.94 2.84 35.52
N SER Q 112 -31.21 2.67 35.90
CA SER Q 112 -31.63 1.59 36.81
C SER Q 112 -31.38 0.19 36.25
N ARG Q 113 -31.54 0.00 34.94
CA ARG Q 113 -31.20 -1.27 34.29
C ARG Q 113 -29.74 -1.19 33.86
N ARG R 6 -36.62 -3.66 23.38
CA ARG R 6 -36.82 -2.18 23.61
C ARG R 6 -35.89 -1.34 22.74
N LYS R 7 -36.45 -0.57 21.79
CA LYS R 7 -35.65 0.37 20.96
C LYS R 7 -36.03 1.85 21.31
N TYR R 8 -37.18 2.30 20.83
CA TYR R 8 -37.69 3.65 21.11
C TYR R 8 -36.90 4.82 20.43
N TRP R 9 -35.60 5.02 20.68
CA TRP R 9 -34.82 6.05 19.95
C TRP R 9 -34.79 5.73 18.47
N ASP R 10 -35.09 6.74 17.64
CA ASP R 10 -34.87 6.68 16.19
C ASP R 10 -35.81 5.70 15.45
N VAL R 11 -36.94 5.42 16.09
CA VAL R 11 -38.02 4.59 15.55
C VAL R 11 -39.01 5.55 14.90
N PRO R 12 -39.07 5.58 13.55
CA PRO R 12 -40.03 6.46 12.87
C PRO R 12 -41.43 5.88 13.03
N PRO R 13 -42.45 6.60 12.56
CA PRO R 13 -43.79 6.02 12.71
C PRO R 13 -44.03 4.86 11.68
N PRO R 14 -44.93 3.91 12.00
CA PRO R 14 -45.42 2.83 11.11
C PRO R 14 -45.61 3.25 9.63
N GLY R 15 -46.48 4.24 9.38
CA GLY R 15 -46.63 4.84 8.04
C GLY R 15 -47.14 6.28 8.06
#